data_7QB4
#
_entry.id   7QB4
#
_cell.length_a   79.406
_cell.length_b   111.048
_cell.length_c   227.092
_cell.angle_alpha   90.000
_cell.angle_beta   90.000
_cell.angle_gamma   90.000
#
_symmetry.space_group_name_H-M   'P 21 21 21'
#
loop_
_entity.id
_entity.type
_entity.pdbx_description
1 polymer Acetylcholinesterase
2 non-polymer 2-acetamido-2-deoxy-beta-D-glucopyranose
3 non-polymer 3,4-dimethyl-7-[[1-(phenylmethyl)piperidin-4-yl]methoxy]chromen-2-one
4 non-polymer 2-(2-METHOXYETHOXY)ETHANOL
5 non-polymer 1,2-ETHANEDIOL
6 non-polymer 2-[2-(2-METHOXY-ETHOXY)-ETHOXY]-ETHOXYL
7 non-polymer 2-[2-[2-[2-[2-[2-(2-methoxyethoxy)ethoxy]ethoxy]ethoxy]ethoxy]ethoxy]ethanol
8 water water
#
_entity_poly.entity_id   1
_entity_poly.type   'polypeptide(L)'
_entity_poly.pdbx_seq_one_letter_code
;EGREDPQLLVRVRGGQLRGIRLKAPGGPVSAFLGIPFAEPPVGSRRFMPPEPKRPWSGVLDATTFQNVCYQYVDTLYPGF
EGTEMWNPNRELSEDCLYLNVWTPYPRPASPTPVLIWIYGGGFYSGAASLDVYDGRFLAQVEGAVLVSMNYRVGTFGFLA
LPGSREAPGNVGLLDQRLALQWVQENIAAFGGDPMSVTLFGESAGAASVGMHILSLPSRSLFHRAVLQSGTPNGPWATVS
AGEARRRATLLARLVGCPPGGAGGNDTELIACLRTRPAQDLVDHEWHVLPQESIFRFSFVPVVDGDFLSDTPEALINTGD
FQDLQVLVGVVKDEGSYFLVYGVPGFSKDNESLISRAQFLAGVRIGVPQASDLAAEAVVLHYTDWLHPEDPTHLRDAMSA
VVGDHNVVCPVAQLAGRLAAQGARVYAYIFEHRASTLTWPLWMGVPHGYEIEFIFGLPLDPSLNYTTEERIFAQRLMKYW
TNFARTGDPNDPRDSKSPQWPPYTTAAQQYVSLNLKPLEVRRGLRAQTCAFWNRFLPKLLSAT
;
_entity_poly.pdbx_strand_id   A,B
#
# COMPACT_ATOMS: atom_id res chain seq x y z
N GLU A 1 9.30 -7.93 -68.50
CA GLU A 1 8.45 -9.01 -68.00
C GLU A 1 8.15 -10.01 -69.12
N GLY A 2 7.11 -10.80 -68.91
CA GLY A 2 6.68 -11.76 -69.92
C GLY A 2 6.36 -13.12 -69.35
N ARG A 3 7.34 -13.72 -68.66
CA ARG A 3 7.19 -15.07 -68.13
C ARG A 3 7.09 -15.10 -66.61
N GLU A 4 7.01 -13.95 -65.95
CA GLU A 4 6.87 -13.95 -64.50
C GLU A 4 5.40 -13.99 -64.10
N ASP A 5 5.17 -14.08 -62.80
CA ASP A 5 3.83 -14.18 -62.24
C ASP A 5 3.13 -12.83 -62.34
N PRO A 6 2.10 -12.70 -63.18
CA PRO A 6 1.42 -11.40 -63.31
C PRO A 6 0.75 -10.92 -62.04
N GLN A 7 0.52 -11.79 -61.05
CA GLN A 7 -0.13 -11.35 -59.82
C GLN A 7 0.84 -10.71 -58.85
N LEU A 8 2.13 -10.64 -59.20
CA LEU A 8 3.18 -10.15 -58.30
C LEU A 8 3.85 -8.88 -58.80
N LEU A 9 3.28 -8.20 -59.79
CA LEU A 9 3.86 -6.97 -60.31
C LEU A 9 2.96 -5.79 -59.95
N VAL A 10 3.56 -4.79 -59.30
CA VAL A 10 2.86 -3.65 -58.76
C VAL A 10 3.69 -2.41 -59.03
N ARG A 11 3.02 -1.27 -59.21
CA ARG A 11 3.68 0.01 -59.36
C ARG A 11 3.37 0.89 -58.16
N VAL A 12 4.41 1.51 -57.58
CA VAL A 12 4.24 2.48 -56.50
C VAL A 12 4.83 3.82 -56.93
N ARG A 13 4.64 4.83 -56.08
CA ARG A 13 5.02 6.20 -56.44
C ARG A 13 6.46 6.30 -56.95
N GLY A 14 7.33 5.39 -56.52
CA GLY A 14 8.74 5.44 -56.87
C GLY A 14 9.16 4.55 -58.03
N GLY A 15 8.27 3.68 -58.51
CA GLY A 15 8.56 2.84 -59.64
C GLY A 15 7.88 1.48 -59.50
N GLN A 16 8.36 0.53 -60.30
CA GLN A 16 7.77 -0.81 -60.37
C GLN A 16 8.44 -1.79 -59.42
N LEU A 17 7.64 -2.71 -58.86
CA LEU A 17 8.13 -3.72 -57.93
C LEU A 17 7.74 -5.11 -58.41
N ARG A 18 8.61 -6.08 -58.13
CA ARG A 18 8.29 -7.49 -58.26
C ARG A 18 8.31 -8.12 -56.88
N GLY A 19 7.16 -8.63 -56.44
CA GLY A 19 7.05 -9.31 -55.17
C GLY A 19 7.22 -10.81 -55.30
N ILE A 20 6.91 -11.52 -54.20
CA ILE A 20 7.10 -12.96 -54.16
C ILE A 20 5.86 -13.65 -53.59
N ARG A 21 5.60 -14.85 -54.10
CA ARG A 21 4.48 -15.69 -53.66
C ARG A 21 4.98 -16.59 -52.53
N LEU A 22 4.49 -16.35 -51.32
CA LEU A 22 4.91 -17.11 -50.15
C LEU A 22 3.85 -18.13 -49.76
N LYS A 23 4.31 -19.22 -49.14
CA LYS A 23 3.43 -20.27 -48.66
C LYS A 23 3.14 -20.07 -47.18
N ALA A 24 1.88 -19.85 -46.85
CA ALA A 24 1.35 -19.99 -45.51
C ALA A 24 0.70 -21.35 -45.38
N PRO A 25 0.49 -21.84 -44.16
CA PRO A 25 -0.07 -23.19 -44.00
C PRO A 25 -1.37 -23.39 -44.75
N GLY A 26 -2.15 -22.32 -44.93
CA GLY A 26 -3.45 -22.42 -45.56
C GLY A 26 -3.50 -22.04 -47.02
N GLY A 27 -2.42 -21.51 -47.58
CA GLY A 27 -2.40 -21.10 -48.96
C GLY A 27 -1.41 -19.99 -49.21
N PRO A 28 -1.34 -19.51 -50.45
CA PRO A 28 -0.32 -18.51 -50.81
C PRO A 28 -0.68 -17.10 -50.37
N VAL A 29 0.36 -16.30 -50.14
CA VAL A 29 0.22 -14.87 -49.87
C VAL A 29 1.25 -14.12 -50.70
N SER A 30 0.88 -12.90 -51.09
CA SER A 30 1.79 -12.01 -51.80
C SER A 30 2.64 -11.23 -50.80
N ALA A 31 3.96 -11.21 -51.04
CA ALA A 31 4.89 -10.45 -50.20
C ALA A 31 5.70 -9.51 -51.06
N PHE A 32 5.80 -8.26 -50.63
CA PHE A 32 6.61 -7.23 -51.29
C PHE A 32 7.59 -6.72 -50.24
N LEU A 33 8.79 -7.30 -50.22
CA LEU A 33 9.74 -7.08 -49.14
C LEU A 33 10.86 -6.14 -49.58
N GLY A 34 11.34 -5.34 -48.62
CA GLY A 34 12.44 -4.44 -48.87
C GLY A 34 12.15 -3.28 -49.80
N ILE A 35 10.92 -2.77 -49.78
CA ILE A 35 10.59 -1.57 -50.55
C ILE A 35 11.25 -0.36 -49.88
N PRO A 36 12.08 0.39 -50.59
CA PRO A 36 12.66 1.60 -49.99
C PRO A 36 11.61 2.69 -49.94
N PHE A 37 11.55 3.41 -48.82
CA PHE A 37 10.64 4.53 -48.68
C PHE A 37 11.36 5.84 -48.37
N ALA A 38 12.69 5.85 -48.40
CA ALA A 38 13.42 7.06 -48.08
C ALA A 38 14.81 6.99 -48.70
N GLU A 39 15.41 8.15 -48.95
CA GLU A 39 16.80 8.18 -49.33
C GLU A 39 17.65 7.64 -48.18
N PRO A 40 18.63 6.80 -48.45
CA PRO A 40 19.44 6.22 -47.38
C PRO A 40 19.99 7.31 -46.48
N PRO A 41 19.70 7.26 -45.18
CA PRO A 41 20.14 8.33 -44.26
C PRO A 41 21.61 8.19 -43.87
N VAL A 42 22.49 8.27 -44.86
CA VAL A 42 23.90 7.98 -44.67
C VAL A 42 24.72 9.25 -44.98
N GLY A 43 25.99 9.21 -44.59
CA GLY A 43 26.87 10.32 -44.90
C GLY A 43 26.46 11.58 -44.17
N SER A 44 26.34 12.68 -44.92
CA SER A 44 25.90 13.94 -44.33
C SER A 44 24.45 13.92 -43.93
N ARG A 45 23.76 12.78 -44.10
CA ARG A 45 22.38 12.60 -43.69
C ARG A 45 22.23 11.87 -42.36
N ARG A 46 23.32 11.35 -41.79
CA ARG A 46 23.24 10.77 -40.47
C ARG A 46 22.69 11.81 -39.50
N PHE A 47 21.72 11.41 -38.69
CA PHE A 47 21.00 12.21 -37.71
C PHE A 47 19.97 13.14 -38.35
N MET A 48 19.89 13.21 -39.66
CA MET A 48 18.96 14.13 -40.31
C MET A 48 17.59 13.48 -40.46
N PRO A 49 16.53 14.28 -40.56
CA PRO A 49 15.21 13.72 -40.86
C PRO A 49 15.24 13.04 -42.20
N PRO A 50 14.41 12.01 -42.39
CA PRO A 50 14.41 11.28 -43.66
C PRO A 50 13.85 12.13 -44.79
N GLU A 51 14.29 11.80 -46.00
CA GLU A 51 13.72 12.37 -47.22
C GLU A 51 13.06 11.29 -48.06
N PRO A 52 12.01 11.63 -48.80
CA PRO A 52 11.37 10.66 -49.70
C PRO A 52 12.36 9.99 -50.64
N LYS A 53 12.18 8.69 -50.84
CA LYS A 53 12.98 7.96 -51.81
C LYS A 53 12.81 8.58 -53.20
N ARG A 54 13.91 8.71 -53.90
CA ARG A 54 13.87 9.23 -55.27
C ARG A 54 13.45 8.11 -56.21
N PRO A 55 12.48 8.36 -57.10
CA PRO A 55 12.03 7.31 -58.04
C PRO A 55 13.20 6.59 -58.71
N TRP A 56 13.06 5.28 -58.84
CA TRP A 56 14.03 4.44 -59.54
C TRP A 56 13.49 4.03 -60.91
N SER A 57 14.37 3.41 -61.70
CA SER A 57 14.00 2.94 -63.03
C SER A 57 14.14 1.43 -63.07
N GLY A 58 13.31 0.80 -63.92
CA GLY A 58 13.22 -0.64 -63.96
C GLY A 58 12.36 -1.19 -62.84
N VAL A 59 12.35 -2.51 -62.77
CA VAL A 59 11.55 -3.22 -61.77
C VAL A 59 12.44 -3.48 -60.56
N LEU A 60 12.14 -2.84 -59.45
CA LEU A 60 12.87 -3.12 -58.22
C LEU A 60 12.45 -4.49 -57.68
N ASP A 61 13.42 -5.39 -57.50
CA ASP A 61 13.12 -6.69 -56.95
C ASP A 61 12.80 -6.56 -55.47
N ALA A 62 11.62 -7.03 -55.07
CA ALA A 62 11.18 -6.91 -53.69
C ALA A 62 10.83 -8.27 -53.11
N THR A 63 11.75 -9.24 -53.24
CA THR A 63 11.52 -10.60 -52.79
C THR A 63 12.32 -10.99 -51.55
N THR A 64 13.11 -10.08 -50.97
CA THR A 64 13.90 -10.43 -49.79
C THR A 64 13.96 -9.24 -48.85
N PHE A 65 14.08 -9.54 -47.57
CA PHE A 65 14.23 -8.50 -46.55
C PHE A 65 15.52 -7.72 -46.78
N GLN A 66 15.45 -6.41 -46.57
CA GLN A 66 16.58 -5.53 -46.71
C GLN A 66 17.33 -5.37 -45.38
N ASN A 67 18.34 -4.49 -45.40
CA ASN A 67 19.25 -4.34 -44.26
C ASN A 67 18.50 -3.99 -42.98
N VAL A 68 19.09 -4.35 -41.87
CA VAL A 68 18.64 -3.93 -40.57
C VAL A 68 19.37 -2.64 -40.20
N CYS A 69 18.67 -1.74 -39.52
CA CYS A 69 19.29 -0.47 -39.15
C CYS A 69 20.41 -0.74 -38.15
N TYR A 70 21.54 -0.08 -38.36
CA TYR A 70 22.71 -0.33 -37.53
C TYR A 70 22.36 -0.25 -36.05
N GLN A 71 22.82 -1.24 -35.26
CA GLN A 71 22.35 -1.31 -33.89
C GLN A 71 23.22 -2.23 -33.05
N TYR A 72 23.09 -2.05 -31.73
CA TYR A 72 23.71 -2.95 -30.76
C TYR A 72 23.17 -4.36 -30.92
N VAL A 73 24.04 -5.36 -30.78
CA VAL A 73 23.68 -6.77 -30.89
C VAL A 73 23.89 -7.44 -29.53
N ASP A 74 22.88 -8.18 -29.08
CA ASP A 74 22.88 -8.73 -27.72
C ASP A 74 23.83 -9.91 -27.59
N THR A 75 24.48 -10.01 -26.43
CA THR A 75 25.45 -11.07 -26.19
C THR A 75 25.39 -11.64 -24.78
N LEU A 76 24.34 -11.36 -24.00
CA LEU A 76 24.24 -11.91 -22.66
C LEU A 76 24.31 -13.44 -22.69
N TYR A 77 23.58 -14.06 -23.60
CA TYR A 77 23.51 -15.52 -23.70
C TYR A 77 23.75 -15.92 -25.14
N PRO A 78 25.01 -16.02 -25.55
CA PRO A 78 25.32 -16.28 -26.96
C PRO A 78 24.75 -17.61 -27.44
N GLY A 79 24.00 -17.56 -28.53
CA GLY A 79 23.44 -18.75 -29.15
C GLY A 79 22.18 -19.28 -28.53
N PHE A 80 21.63 -18.59 -27.53
CA PHE A 80 20.42 -19.00 -26.83
C PHE A 80 19.21 -18.42 -27.56
N GLU A 81 18.20 -19.26 -27.80
CA GLU A 81 17.08 -18.82 -28.62
C GLU A 81 16.34 -17.64 -28.02
N GLY A 82 16.24 -17.59 -26.68
CA GLY A 82 15.49 -16.53 -26.05
C GLY A 82 15.99 -15.14 -26.37
N THR A 83 17.29 -15.01 -26.65
CA THR A 83 17.87 -13.73 -27.03
C THR A 83 18.14 -13.61 -28.53
N GLU A 84 18.48 -14.71 -29.21
CA GLU A 84 18.83 -14.61 -30.63
C GLU A 84 17.63 -14.23 -31.48
N MET A 85 16.44 -14.74 -31.15
CA MET A 85 15.25 -14.44 -31.93
C MET A 85 15.01 -12.94 -32.07
N TRP A 86 15.55 -12.12 -31.17
CA TRP A 86 15.38 -10.68 -31.26
C TRP A 86 16.55 -9.99 -31.95
N ASN A 87 17.65 -10.69 -32.23
CA ASN A 87 18.84 -10.11 -32.81
C ASN A 87 18.67 -9.90 -34.32
N PRO A 88 19.47 -9.00 -34.90
CA PRO A 88 19.34 -8.73 -36.34
C PRO A 88 19.54 -9.99 -37.17
N ASN A 89 18.66 -10.18 -38.16
CA ASN A 89 18.75 -11.34 -39.03
C ASN A 89 19.06 -10.95 -40.48
N ARG A 90 19.46 -9.71 -40.73
CA ARG A 90 20.04 -9.29 -42.00
C ARG A 90 21.22 -8.37 -41.69
N GLU A 91 21.92 -7.99 -42.74
CA GLU A 91 23.11 -7.16 -42.59
C GLU A 91 22.77 -5.87 -41.87
N LEU A 92 23.64 -5.46 -40.93
CA LEU A 92 23.51 -4.16 -40.30
C LEU A 92 23.99 -3.06 -41.24
N SER A 93 23.23 -2.00 -41.35
CA SER A 93 23.63 -0.90 -42.23
C SER A 93 22.83 0.34 -41.88
N GLU A 94 23.45 1.51 -42.10
CA GLU A 94 22.71 2.75 -41.98
C GLU A 94 21.71 2.92 -43.11
N ASP A 95 22.02 2.36 -44.28
CA ASP A 95 21.08 2.27 -45.39
C ASP A 95 20.05 1.18 -45.07
N CYS A 96 18.93 1.57 -44.47
CA CYS A 96 18.04 0.59 -43.87
C CYS A 96 16.59 1.03 -43.88
N LEU A 97 16.24 2.14 -44.53
CA LEU A 97 14.88 2.65 -44.52
C LEU A 97 14.09 1.96 -45.62
N TYR A 98 13.68 0.72 -45.34
CA TYR A 98 12.85 -0.07 -46.23
C TYR A 98 11.63 -0.55 -45.44
N LEU A 99 10.59 -0.97 -46.17
CA LEU A 99 9.39 -1.49 -45.54
C LEU A 99 8.88 -2.69 -46.32
N ASN A 100 7.96 -3.42 -45.70
CA ASN A 100 7.47 -4.70 -46.20
C ASN A 100 5.96 -4.69 -46.24
N VAL A 101 5.40 -5.43 -47.20
CA VAL A 101 3.96 -5.53 -47.38
C VAL A 101 3.58 -6.99 -47.60
N TRP A 102 2.60 -7.48 -46.83
CA TRP A 102 1.98 -8.77 -47.06
C TRP A 102 0.51 -8.55 -47.40
N THR A 103 0.01 -9.26 -48.42
CA THR A 103 -1.41 -9.20 -48.75
C THR A 103 -1.86 -10.60 -49.14
N PRO A 104 -3.16 -10.85 -49.25
CA PRO A 104 -3.62 -12.12 -49.80
C PRO A 104 -3.13 -12.31 -51.22
N TYR A 105 -3.12 -13.56 -51.66
CA TYR A 105 -2.76 -13.91 -53.02
C TYR A 105 -3.90 -14.73 -53.62
N PRO A 106 -4.54 -14.26 -54.70
CA PRO A 106 -4.30 -13.00 -55.41
C PRO A 106 -4.62 -11.79 -54.55
N ARG A 107 -4.09 -10.62 -54.89
CA ARG A 107 -4.34 -9.44 -54.10
C ARG A 107 -5.85 -9.19 -53.98
N PRO A 108 -6.28 -8.53 -52.91
CA PRO A 108 -7.72 -8.51 -52.59
C PRO A 108 -8.53 -7.65 -53.56
N ALA A 109 -9.82 -7.99 -53.64
CA ALA A 109 -10.76 -7.31 -54.53
C ALA A 109 -11.22 -5.97 -53.96
N SER A 110 -11.89 -5.99 -52.82
CA SER A 110 -12.34 -4.78 -52.15
C SER A 110 -11.18 -4.12 -51.40
N PRO A 111 -11.25 -2.81 -51.20
CA PRO A 111 -10.24 -2.16 -50.33
C PRO A 111 -10.24 -2.80 -48.94
N THR A 112 -9.05 -3.13 -48.47
CA THR A 112 -8.91 -3.99 -47.31
C THR A 112 -8.29 -3.24 -46.14
N PRO A 113 -8.87 -3.31 -44.94
CA PRO A 113 -8.27 -2.64 -43.78
C PRO A 113 -6.80 -3.00 -43.65
N VAL A 114 -5.99 -2.01 -43.27
CA VAL A 114 -4.54 -2.14 -43.25
C VAL A 114 -4.04 -2.15 -41.81
N LEU A 115 -3.02 -2.96 -41.57
CA LEU A 115 -2.33 -3.06 -40.29
C LEU A 115 -0.88 -2.69 -40.48
N ILE A 116 -0.37 -1.78 -39.65
CA ILE A 116 1.01 -1.34 -39.71
C ILE A 116 1.67 -1.71 -38.39
N TRP A 117 2.76 -2.47 -38.46
CA TRP A 117 3.48 -2.94 -37.29
C TRP A 117 4.71 -2.07 -37.05
N ILE A 118 4.91 -1.67 -35.79
CA ILE A 118 6.07 -0.88 -35.39
C ILE A 118 6.80 -1.69 -34.32
N TYR A 119 7.89 -2.35 -34.69
CA TYR A 119 8.59 -3.23 -33.78
C TYR A 119 9.13 -2.46 -32.57
N GLY A 120 9.34 -3.21 -31.48
CA GLY A 120 9.99 -2.69 -30.30
C GLY A 120 11.48 -2.96 -30.31
N GLY A 121 12.09 -2.76 -29.15
CA GLY A 121 13.53 -2.94 -29.00
C GLY A 121 14.18 -1.79 -28.26
N GLY A 122 13.40 -1.15 -27.37
CA GLY A 122 13.92 -0.09 -26.53
C GLY A 122 14.44 1.13 -27.27
N PHE A 123 14.13 1.25 -28.56
CA PHE A 123 14.60 2.33 -29.42
C PHE A 123 16.09 2.22 -29.73
N TYR A 124 16.74 1.11 -29.36
CA TYR A 124 18.15 0.89 -29.68
C TYR A 124 18.36 -0.33 -30.55
N SER A 125 17.30 -1.08 -30.85
CA SER A 125 17.40 -2.33 -31.57
C SER A 125 16.06 -2.62 -32.25
N GLY A 126 16.05 -3.68 -33.06
CA GLY A 126 14.82 -4.10 -33.71
C GLY A 126 14.89 -4.15 -35.22
N ALA A 127 13.96 -4.88 -35.82
CA ALA A 127 13.91 -5.05 -37.26
C ALA A 127 12.53 -5.59 -37.63
N ALA A 128 12.04 -5.16 -38.79
CA ALA A 128 10.74 -5.61 -39.27
C ALA A 128 10.80 -6.99 -39.93
N SER A 129 11.99 -7.59 -39.97
CA SER A 129 12.23 -8.83 -40.70
C SER A 129 12.38 -10.04 -39.79
N LEU A 130 12.11 -9.89 -38.49
CA LEU A 130 12.26 -11.01 -37.58
C LEU A 130 11.15 -12.04 -37.76
N ASP A 131 11.48 -13.30 -37.53
CA ASP A 131 10.51 -14.36 -37.72
C ASP A 131 9.19 -14.06 -37.01
N VAL A 132 9.25 -13.50 -35.79
CA VAL A 132 8.02 -13.28 -35.02
C VAL A 132 7.19 -12.11 -35.51
N TYR A 133 7.64 -11.38 -36.53
CA TYR A 133 6.82 -10.33 -37.13
C TYR A 133 6.35 -10.73 -38.54
N ASP A 134 6.21 -12.03 -38.79
CA ASP A 134 5.87 -12.53 -40.13
C ASP A 134 4.40 -12.28 -40.45
N GLY A 135 4.15 -11.49 -41.49
CA GLY A 135 2.80 -11.11 -41.84
C GLY A 135 2.01 -12.14 -42.61
N ARG A 136 2.58 -13.31 -42.93
CA ARG A 136 1.90 -14.20 -43.87
C ARG A 136 0.69 -14.89 -43.26
N PHE A 137 0.62 -15.01 -41.93
CA PHE A 137 -0.52 -15.66 -41.29
C PHE A 137 -1.71 -14.70 -41.16
N LEU A 138 -1.45 -13.46 -40.71
CA LEU A 138 -2.50 -12.45 -40.71
C LEU A 138 -3.04 -12.24 -42.11
N ALA A 139 -2.15 -12.11 -43.10
CA ALA A 139 -2.57 -11.89 -44.49
C ALA A 139 -3.42 -13.04 -45.00
N GLN A 140 -2.96 -14.28 -44.82
CA GLN A 140 -3.64 -15.41 -45.41
C GLN A 140 -4.92 -15.76 -44.66
N VAL A 141 -4.86 -15.81 -43.33
CA VAL A 141 -5.99 -16.32 -42.56
C VAL A 141 -7.06 -15.25 -42.34
N GLU A 142 -6.66 -14.01 -42.09
CA GLU A 142 -7.63 -12.93 -41.93
C GLU A 142 -7.76 -12.04 -43.17
N GLY A 143 -6.96 -12.28 -44.21
CA GLY A 143 -7.07 -11.46 -45.41
C GLY A 143 -6.62 -10.03 -45.24
N ALA A 144 -5.79 -9.76 -44.23
CA ALA A 144 -5.38 -8.40 -43.92
C ALA A 144 -4.25 -7.97 -44.85
N VAL A 145 -4.14 -6.65 -45.03
CA VAL A 145 -2.94 -6.06 -45.63
C VAL A 145 -2.05 -5.60 -44.49
N LEU A 146 -0.87 -6.20 -44.39
CA LEU A 146 0.04 -5.95 -43.28
C LEU A 146 1.30 -5.26 -43.79
N VAL A 147 1.71 -4.20 -43.09
CA VAL A 147 2.87 -3.40 -43.45
C VAL A 147 3.74 -3.24 -42.23
N SER A 148 5.05 -3.38 -42.40
CA SER A 148 6.02 -3.14 -41.33
C SER A 148 7.21 -2.39 -41.91
N MET A 149 7.75 -1.45 -41.13
CA MET A 149 8.84 -0.60 -41.60
C MET A 149 10.01 -0.64 -40.65
N ASN A 150 11.22 -0.60 -41.22
CA ASN A 150 12.41 -0.31 -40.43
C ASN A 150 12.43 1.17 -40.07
N TYR A 151 12.93 1.48 -38.87
CA TYR A 151 13.17 2.87 -38.50
C TYR A 151 14.50 2.95 -37.78
N ARG A 152 15.14 4.11 -37.85
CA ARG A 152 16.46 4.27 -37.26
C ARG A 152 16.39 4.18 -35.74
N VAL A 153 17.30 3.42 -35.15
CA VAL A 153 17.32 3.22 -33.71
C VAL A 153 18.64 3.72 -33.15
N GLY A 154 18.71 3.81 -31.83
CA GLY A 154 19.95 4.19 -31.20
C GLY A 154 20.34 5.63 -31.52
N THR A 155 21.66 5.87 -31.55
CA THR A 155 22.15 7.21 -31.90
C THR A 155 21.61 7.66 -33.26
N PHE A 156 21.69 6.80 -34.29
CA PHE A 156 21.28 7.21 -35.64
C PHE A 156 19.82 7.61 -35.67
N GLY A 157 19.00 7.05 -34.78
CA GLY A 157 17.58 7.35 -34.81
C GLY A 157 17.16 8.45 -33.85
N PHE A 158 17.92 8.68 -32.78
CA PHE A 158 17.38 9.50 -31.70
C PHE A 158 18.37 10.41 -30.99
N LEU A 159 19.67 10.34 -31.28
CA LEU A 159 20.60 11.32 -30.73
C LEU A 159 20.16 12.72 -31.14
N ALA A 160 20.09 13.62 -30.17
CA ALA A 160 19.58 14.95 -30.47
C ALA A 160 20.40 16.01 -29.77
N LEU A 161 20.64 17.11 -30.48
CA LEU A 161 21.11 18.35 -29.89
C LEU A 161 19.93 19.32 -30.01
N PRO A 162 19.00 19.31 -29.06
CA PRO A 162 17.70 19.96 -29.29
C PRO A 162 17.87 21.41 -29.70
N GLY A 163 17.12 21.82 -30.72
CA GLY A 163 17.22 23.15 -31.26
C GLY A 163 18.21 23.32 -32.38
N SER A 164 19.10 22.35 -32.59
CA SER A 164 20.03 22.44 -33.70
C SER A 164 19.34 22.00 -34.99
N ARG A 165 19.99 22.29 -36.12
CA ARG A 165 19.47 21.88 -37.41
C ARG A 165 20.01 20.54 -37.87
N GLU A 166 21.23 20.20 -37.46
CA GLU A 166 21.87 18.98 -37.94
C GLU A 166 21.56 17.75 -37.10
N ALA A 167 20.88 17.90 -35.96
CA ALA A 167 20.49 16.77 -35.12
C ALA A 167 19.26 17.17 -34.30
N PRO A 168 18.14 17.43 -34.97
CA PRO A 168 16.97 17.96 -34.26
C PRO A 168 16.34 16.96 -33.31
N GLY A 169 16.60 15.67 -33.47
CA GLY A 169 16.02 14.64 -32.64
C GLY A 169 14.82 14.00 -33.28
N ASN A 170 14.48 12.82 -32.78
CA ASN A 170 13.26 12.08 -33.12
C ASN A 170 13.21 11.64 -34.57
N VAL A 171 14.32 11.71 -35.32
CA VAL A 171 14.26 11.34 -36.73
C VAL A 171 13.79 9.89 -36.88
N GLY A 172 14.05 9.07 -35.86
CA GLY A 172 13.52 7.71 -35.89
C GLY A 172 12.00 7.68 -35.96
N LEU A 173 11.35 8.57 -35.20
CA LEU A 173 9.90 8.69 -35.31
C LEU A 173 9.49 9.29 -36.65
N LEU A 174 10.30 10.19 -37.20
CA LEU A 174 9.98 10.76 -38.51
C LEU A 174 10.11 9.71 -39.61
N ASP A 175 11.06 8.78 -39.46
CA ASP A 175 11.12 7.64 -40.35
C ASP A 175 9.79 6.88 -40.35
N GLN A 176 9.25 6.60 -39.16
CA GLN A 176 7.98 5.90 -39.05
C GLN A 176 6.88 6.70 -39.72
N ARG A 177 6.85 8.01 -39.47
N ARG A 177 6.86 8.01 -39.49
CA ARG A 177 5.81 8.85 -40.07
CA ARG A 177 5.83 8.87 -40.06
C ARG A 177 5.89 8.82 -41.59
C ARG A 177 5.91 8.88 -41.58
N LEU A 178 7.11 8.83 -42.14
CA LEU A 178 7.27 8.84 -43.59
C LEU A 178 6.73 7.56 -44.21
N ALA A 179 6.89 6.43 -43.52
CA ALA A 179 6.28 5.19 -43.97
C ALA A 179 4.76 5.27 -43.88
N LEU A 180 4.24 5.89 -42.82
CA LEU A 180 2.79 6.06 -42.71
C LEU A 180 2.25 6.87 -43.89
N GLN A 181 3.02 7.87 -44.35
CA GLN A 181 2.61 8.63 -45.52
C GLN A 181 2.73 7.79 -46.78
N TRP A 182 3.79 6.98 -46.87
CA TRP A 182 3.93 6.04 -47.97
C TRP A 182 2.71 5.15 -48.08
N VAL A 183 2.20 4.65 -46.95
CA VAL A 183 1.02 3.81 -47.00
C VAL A 183 -0.19 4.60 -47.48
N GLN A 184 -0.32 5.86 -47.04
CA GLN A 184 -1.42 6.69 -47.51
C GLN A 184 -1.44 6.77 -49.03
N GLU A 185 -0.27 6.98 -49.65
CA GLU A 185 -0.25 7.23 -51.08
C GLU A 185 -0.23 5.96 -51.92
N ASN A 186 0.30 4.85 -51.40
CA ASN A 186 0.58 3.70 -52.24
C ASN A 186 -0.19 2.45 -51.89
N ILE A 187 -0.70 2.30 -50.66
CA ILE A 187 -1.26 1.01 -50.26
C ILE A 187 -2.45 0.63 -51.14
N ALA A 188 -3.12 1.60 -51.75
CA ALA A 188 -4.21 1.27 -52.67
C ALA A 188 -3.74 0.40 -53.83
N ALA A 189 -2.46 0.52 -54.22
CA ALA A 189 -1.93 -0.30 -55.32
C ALA A 189 -1.74 -1.75 -54.92
N PHE A 190 -1.89 -2.10 -53.65
CA PHE A 190 -1.84 -3.48 -53.22
C PHE A 190 -3.21 -4.02 -52.84
N GLY A 191 -4.24 -3.17 -52.89
CA GLY A 191 -5.57 -3.55 -52.47
C GLY A 191 -5.94 -3.13 -51.06
N GLY A 192 -5.05 -2.43 -50.35
CA GLY A 192 -5.34 -1.97 -49.01
C GLY A 192 -6.09 -0.65 -48.99
N ASP A 193 -6.88 -0.46 -47.93
CA ASP A 193 -7.74 0.69 -47.76
C ASP A 193 -7.01 1.80 -47.00
N PRO A 194 -6.52 2.83 -47.70
CA PRO A 194 -5.82 3.92 -46.99
C PRO A 194 -6.69 4.62 -45.97
N MET A 195 -8.01 4.44 -46.03
CA MET A 195 -8.92 5.06 -45.07
C MET A 195 -9.27 4.13 -43.90
N SER A 196 -8.55 3.03 -43.74
CA SER A 196 -8.72 2.13 -42.59
C SER A 196 -7.34 1.59 -42.26
N VAL A 197 -6.56 2.39 -41.52
CA VAL A 197 -5.20 2.07 -41.15
C VAL A 197 -5.14 1.97 -39.62
N THR A 198 -4.75 0.81 -39.12
CA THR A 198 -4.57 0.56 -37.70
C THR A 198 -3.08 0.36 -37.41
N LEU A 199 -2.56 1.13 -36.46
CA LEU A 199 -1.19 0.94 -35.97
C LEU A 199 -1.19 -0.06 -34.83
N PHE A 200 -0.15 -0.90 -34.78
CA PHE A 200 0.07 -1.69 -33.58
C PHE A 200 1.56 -1.96 -33.45
N GLY A 201 2.02 -2.00 -32.19
CA GLY A 201 3.41 -2.24 -31.87
C GLY A 201 3.52 -2.65 -30.41
N GLU A 202 4.75 -2.92 -30.01
CA GLU A 202 4.99 -3.51 -28.70
C GLU A 202 6.28 -2.92 -28.14
N SER A 203 6.34 -2.79 -26.81
CA SER A 203 7.46 -2.16 -26.09
C SER A 203 7.71 -0.79 -26.74
N ALA A 204 8.93 -0.51 -27.21
CA ALA A 204 9.17 0.80 -27.79
C ALA A 204 8.33 1.05 -29.04
N GLY A 205 7.78 0.00 -29.65
CA GLY A 205 6.90 0.17 -30.79
C GLY A 205 5.54 0.65 -30.37
N ALA A 206 5.02 0.06 -29.29
CA ALA A 206 3.81 0.57 -28.66
C ALA A 206 3.96 2.04 -28.30
N ALA A 207 5.08 2.41 -27.67
CA ALA A 207 5.27 3.81 -27.32
C ALA A 207 5.32 4.67 -28.57
N SER A 208 6.01 4.20 -29.62
CA SER A 208 5.94 4.87 -30.92
C SER A 208 4.50 5.13 -31.32
N VAL A 209 3.68 4.08 -31.33
CA VAL A 209 2.26 4.25 -31.66
C VAL A 209 1.65 5.35 -30.80
N GLY A 210 1.94 5.34 -29.49
CA GLY A 210 1.42 6.38 -28.62
C GLY A 210 1.89 7.76 -29.02
N MET A 211 3.13 7.88 -29.49
CA MET A 211 3.64 9.17 -29.89
C MET A 211 2.93 9.71 -31.12
N HIS A 212 2.62 8.84 -32.10
CA HIS A 212 1.87 9.31 -33.27
C HIS A 212 0.48 9.76 -32.90
N ILE A 213 -0.13 9.11 -31.90
CA ILE A 213 -1.41 9.58 -31.38
C ILE A 213 -1.29 11.02 -30.89
N LEU A 214 -0.16 11.36 -30.31
CA LEU A 214 0.02 12.64 -29.62
C LEU A 214 0.65 13.72 -30.48
N SER A 215 1.17 13.36 -31.66
CA SER A 215 1.77 14.32 -32.58
C SER A 215 0.78 14.62 -33.70
N LEU A 216 0.46 15.90 -33.86
CA LEU A 216 -0.64 16.27 -34.75
C LEU A 216 -0.41 15.86 -36.21
N PRO A 217 0.78 16.02 -36.78
CA PRO A 217 0.94 15.63 -38.20
C PRO A 217 0.70 14.14 -38.43
N SER A 218 1.09 13.28 -37.49
CA SER A 218 0.87 11.84 -37.66
C SER A 218 -0.62 11.49 -37.66
N ARG A 219 -1.44 12.29 -36.97
CA ARG A 219 -2.80 11.85 -36.68
C ARG A 219 -3.66 11.70 -37.92
N SER A 220 -3.32 12.40 -38.99
CA SER A 220 -4.03 12.29 -40.25
C SER A 220 -3.57 11.09 -41.08
N LEU A 221 -2.78 10.18 -40.53
CA LEU A 221 -2.26 9.04 -41.25
C LEU A 221 -2.81 7.70 -40.77
N PHE A 222 -3.50 7.67 -39.62
CA PHE A 222 -4.09 6.43 -39.13
C PHE A 222 -5.43 6.73 -38.47
N HIS A 223 -6.15 5.66 -38.12
CA HIS A 223 -7.48 5.77 -37.55
C HIS A 223 -7.66 5.02 -36.23
N ARG A 224 -6.85 4.02 -35.96
CA ARG A 224 -6.98 3.21 -34.75
C ARG A 224 -5.58 2.80 -34.32
N ALA A 225 -5.46 2.35 -33.08
CA ALA A 225 -4.14 2.13 -32.51
C ALA A 225 -4.19 1.02 -31.48
N VAL A 226 -3.14 0.20 -31.46
CA VAL A 226 -2.98 -0.91 -30.53
C VAL A 226 -1.61 -0.77 -29.89
N LEU A 227 -1.57 -0.69 -28.56
CA LEU A 227 -0.31 -0.51 -27.84
C LEU A 227 -0.10 -1.70 -26.91
N GLN A 228 0.83 -2.57 -27.28
CA GLN A 228 1.13 -3.79 -26.53
C GLN A 228 2.34 -3.55 -25.63
N SER A 229 2.13 -3.53 -24.32
CA SER A 229 3.21 -3.47 -23.33
C SER A 229 4.13 -2.27 -23.55
N GLY A 230 3.54 -1.10 -23.70
CA GLY A 230 4.33 0.08 -23.98
C GLY A 230 3.45 1.31 -24.07
N THR A 231 4.04 2.49 -23.85
CA THR A 231 3.28 3.71 -23.69
C THR A 231 4.21 4.89 -23.94
N PRO A 232 3.70 6.01 -24.46
CA PRO A 232 4.57 7.20 -24.58
C PRO A 232 4.85 7.84 -23.23
N ASN A 233 3.88 7.86 -22.34
CA ASN A 233 4.15 8.23 -20.96
C ASN A 233 5.00 7.14 -20.31
N GLY A 234 5.48 7.44 -19.10
CA GLY A 234 6.27 6.47 -18.37
C GLY A 234 7.73 6.88 -18.23
N PRO A 235 8.51 6.08 -17.51
CA PRO A 235 9.86 6.52 -17.13
C PRO A 235 10.92 6.37 -18.20
N TRP A 236 10.68 5.61 -19.27
CA TRP A 236 11.76 5.27 -20.18
C TRP A 236 11.58 5.75 -21.62
N ALA A 237 10.35 6.03 -22.06
CA ALA A 237 10.10 6.25 -23.48
C ALA A 237 10.60 7.60 -23.99
N THR A 238 10.80 8.58 -23.12
CA THR A 238 11.25 9.89 -23.58
C THR A 238 12.31 10.44 -22.63
N VAL A 239 12.96 11.51 -23.07
CA VAL A 239 13.90 12.27 -22.25
C VAL A 239 13.65 13.74 -22.52
N SER A 240 13.99 14.57 -21.54
CA SER A 240 13.91 16.00 -21.70
C SER A 240 14.92 16.46 -22.74
N ALA A 241 14.71 17.68 -23.26
CA ALA A 241 15.73 18.27 -24.11
C ALA A 241 17.07 18.32 -23.39
N GLY A 242 17.04 18.65 -22.09
CA GLY A 242 18.28 18.78 -21.35
C GLY A 242 19.03 17.47 -21.23
N GLU A 243 18.34 16.39 -20.87
CA GLU A 243 18.99 15.09 -20.79
C GLU A 243 19.54 14.67 -22.15
N ALA A 244 18.75 14.85 -23.21
CA ALA A 244 19.17 14.42 -24.54
C ALA A 244 20.42 15.17 -24.99
N ARG A 245 20.48 16.48 -24.75
CA ARG A 245 21.68 17.25 -25.07
C ARG A 245 22.87 16.75 -24.27
N ARG A 246 22.65 16.40 -23.00
CA ARG A 246 23.75 15.94 -22.16
C ARG A 246 24.29 14.60 -22.64
N ARG A 247 23.39 13.67 -22.96
CA ARG A 247 23.84 12.37 -23.44
C ARG A 247 24.55 12.49 -24.78
N ALA A 248 24.03 13.31 -25.69
CA ALA A 248 24.67 13.46 -26.99
C ALA A 248 26.05 14.09 -26.86
N THR A 249 26.18 15.09 -25.98
CA THR A 249 27.50 15.70 -25.81
C THR A 249 28.47 14.75 -25.14
N LEU A 250 27.98 13.88 -24.25
CA LEU A 250 28.86 12.93 -23.59
C LEU A 250 29.33 11.85 -24.56
N LEU A 251 28.42 11.31 -25.37
CA LEU A 251 28.83 10.32 -26.36
C LEU A 251 29.84 10.92 -27.35
N ALA A 252 29.60 12.14 -27.81
CA ALA A 252 30.59 12.82 -28.65
C ALA A 252 31.96 12.82 -27.99
N ARG A 253 32.04 13.23 -26.71
CA ARG A 253 33.33 13.25 -26.03
C ARG A 253 33.94 11.86 -25.97
N LEU A 254 33.13 10.84 -25.69
CA LEU A 254 33.64 9.48 -25.55
C LEU A 254 34.17 8.90 -26.86
N VAL A 255 33.84 9.50 -28.00
CA VAL A 255 34.33 9.03 -29.30
C VAL A 255 35.28 10.03 -29.95
N GLY A 256 35.76 11.02 -29.21
CA GLY A 256 36.74 11.94 -29.74
C GLY A 256 36.23 13.24 -30.30
N CYS A 257 34.97 13.59 -30.04
CA CYS A 257 34.38 14.81 -30.57
C CYS A 257 33.99 15.74 -29.42
N PRO A 258 34.43 17.00 -29.42
CA PRO A 258 35.30 17.55 -30.47
C PRO A 258 36.78 17.40 -30.11
N ASN A 265 29.60 24.62 -29.92
CA ASN A 265 28.90 24.83 -31.18
C ASN A 265 28.41 23.50 -31.72
N ASP A 266 27.09 23.39 -31.92
CA ASP A 266 26.51 22.10 -32.32
C ASP A 266 27.00 21.67 -33.70
N THR A 267 27.14 22.62 -34.62
CA THR A 267 27.49 22.26 -35.99
C THR A 267 28.78 21.46 -36.05
N GLU A 268 29.86 22.03 -35.52
CA GLU A 268 31.15 21.34 -35.54
C GLU A 268 31.06 19.99 -34.84
N LEU A 269 30.33 19.93 -33.72
CA LEU A 269 30.27 18.68 -32.96
C LEU A 269 29.56 17.59 -33.74
N ILE A 270 28.38 17.90 -34.29
CA ILE A 270 27.68 16.90 -35.11
C ILE A 270 28.53 16.53 -36.31
N ALA A 271 29.14 17.52 -36.97
CA ALA A 271 29.99 17.21 -38.11
C ALA A 271 31.07 16.20 -37.76
N CYS A 272 31.55 16.22 -36.51
CA CYS A 272 32.56 15.25 -36.11
C CYS A 272 31.96 13.88 -35.91
N LEU A 273 30.79 13.80 -35.24
CA LEU A 273 30.12 12.51 -35.09
C LEU A 273 29.88 11.85 -36.44
N ARG A 274 29.59 12.65 -37.47
CA ARG A 274 29.33 12.08 -38.79
C ARG A 274 30.57 11.47 -39.41
N THR A 275 31.76 11.75 -38.89
CA THR A 275 32.96 11.11 -39.40
C THR A 275 33.27 9.79 -38.69
N ARG A 276 32.53 9.45 -37.63
CA ARG A 276 32.84 8.24 -36.85
C ARG A 276 32.19 7.01 -37.49
N PRO A 277 32.89 5.87 -37.49
CA PRO A 277 32.27 4.63 -37.95
C PRO A 277 31.02 4.32 -37.14
N ALA A 278 30.04 3.72 -37.80
CA ALA A 278 28.78 3.43 -37.11
C ALA A 278 29.03 2.60 -35.85
N GLN A 279 29.95 1.65 -35.92
CA GLN A 279 30.19 0.76 -34.79
C GLN A 279 30.88 1.46 -33.64
N ASP A 280 31.55 2.60 -33.88
CA ASP A 280 32.07 3.37 -32.76
C ASP A 280 30.94 3.95 -31.93
N LEU A 281 29.92 4.49 -32.58
CA LEU A 281 28.77 5.01 -31.84
C LEU A 281 28.07 3.91 -31.06
N VAL A 282 27.79 2.78 -31.73
CA VAL A 282 27.16 1.66 -31.03
C VAL A 282 28.01 1.22 -29.84
N ASP A 283 29.34 1.16 -30.02
CA ASP A 283 30.22 0.67 -28.97
C ASP A 283 30.22 1.54 -27.71
N HIS A 284 29.66 2.75 -27.77
CA HIS A 284 29.62 3.67 -26.64
C HIS A 284 28.23 4.08 -26.22
N GLU A 285 27.22 3.72 -27.00
CA GLU A 285 25.83 4.02 -26.70
C GLU A 285 25.49 3.90 -25.21
N TRP A 286 25.80 2.76 -24.61
CA TRP A 286 25.35 2.47 -23.24
C TRP A 286 26.14 3.21 -22.17
N HIS A 287 27.22 3.89 -22.53
CA HIS A 287 28.05 4.56 -21.54
C HIS A 287 27.50 5.92 -21.12
N VAL A 288 26.37 6.37 -21.65
CA VAL A 288 25.88 7.71 -21.36
C VAL A 288 24.71 7.71 -20.37
N LEU A 289 24.34 6.55 -19.83
CA LEU A 289 23.19 6.49 -18.93
C LEU A 289 23.55 7.06 -17.57
N PRO A 290 22.74 7.94 -17.00
CA PRO A 290 23.11 8.61 -15.74
C PRO A 290 23.32 7.67 -14.57
N GLN A 291 22.62 6.55 -14.50
CA GLN A 291 22.75 5.64 -13.37
C GLN A 291 22.76 4.20 -13.83
N GLU A 292 23.36 3.35 -13.02
CA GLU A 292 23.18 1.90 -13.14
C GLU A 292 21.71 1.59 -13.20
N SER A 293 21.26 1.00 -14.30
CA SER A 293 19.83 0.85 -14.51
C SER A 293 19.56 -0.36 -15.39
N ILE A 294 18.36 -0.89 -15.25
CA ILE A 294 17.74 -1.70 -16.29
C ILE A 294 16.50 -0.93 -16.75
N PHE A 295 16.05 -1.27 -17.96
CA PHE A 295 14.87 -0.64 -18.56
C PHE A 295 15.07 0.86 -18.75
N ARG A 296 16.31 1.28 -19.01
CA ARG A 296 16.61 2.63 -19.45
C ARG A 296 17.45 2.54 -20.71
N PHE A 297 17.20 3.44 -21.64
CA PHE A 297 17.83 3.40 -22.95
C PHE A 297 18.40 4.77 -23.28
N SER A 298 19.62 4.79 -23.81
CA SER A 298 20.38 6.02 -23.91
C SER A 298 19.73 7.01 -24.87
N PHE A 299 19.31 6.54 -26.03
CA PHE A 299 18.84 7.42 -27.10
C PHE A 299 17.42 6.99 -27.46
N VAL A 300 16.48 7.82 -27.00
CA VAL A 300 15.05 7.61 -27.13
C VAL A 300 14.47 8.94 -27.58
N PRO A 301 13.18 8.98 -27.90
CA PRO A 301 12.57 10.24 -28.33
C PRO A 301 12.74 11.34 -27.30
N VAL A 302 12.99 12.56 -27.78
CA VAL A 302 13.19 13.72 -26.95
C VAL A 302 11.95 14.59 -27.01
N VAL A 303 11.68 15.30 -25.92
CA VAL A 303 10.59 16.27 -25.87
C VAL A 303 11.07 17.57 -26.48
N ASP A 304 10.91 17.69 -27.80
CA ASP A 304 11.53 18.76 -28.58
C ASP A 304 10.69 20.03 -28.65
N GLY A 305 9.42 19.98 -28.26
CA GLY A 305 8.52 21.08 -28.58
C GLY A 305 8.10 21.12 -30.04
N ASP A 306 8.34 20.04 -30.79
CA ASP A 306 8.01 19.98 -32.21
C ASP A 306 7.16 18.75 -32.51
N PHE A 307 7.80 17.61 -32.73
CA PHE A 307 7.07 16.34 -32.76
C PHE A 307 6.22 16.20 -31.51
N LEU A 308 6.86 16.26 -30.34
CA LEU A 308 6.16 16.25 -29.05
C LEU A 308 6.09 17.69 -28.53
N SER A 309 4.91 18.31 -28.63
CA SER A 309 4.77 19.68 -28.20
C SER A 309 4.95 19.83 -26.69
N ASP A 310 4.84 18.74 -25.94
CA ASP A 310 5.06 18.75 -24.50
C ASP A 310 5.26 17.31 -24.06
N THR A 311 5.44 17.12 -22.75
CA THR A 311 5.63 15.77 -22.25
C THR A 311 4.41 14.91 -22.56
N PRO A 312 4.59 13.63 -22.85
CA PRO A 312 3.42 12.75 -23.07
C PRO A 312 2.41 12.82 -21.94
N GLU A 313 2.88 12.90 -20.69
CA GLU A 313 1.98 13.01 -19.54
C GLU A 313 1.08 14.24 -19.68
N ALA A 314 1.67 15.39 -19.99
CA ALA A 314 0.86 16.61 -20.15
C ALA A 314 -0.11 16.48 -21.32
N LEU A 315 0.30 15.80 -22.39
CA LEU A 315 -0.57 15.68 -23.56
C LEU A 315 -1.73 14.73 -23.29
N ILE A 316 -1.46 13.56 -22.72
CA ILE A 316 -2.58 12.66 -22.45
C ILE A 316 -3.47 13.20 -21.34
N ASN A 317 -2.97 14.14 -20.52
CA ASN A 317 -3.79 14.74 -19.49
C ASN A 317 -4.77 15.77 -20.02
N THR A 318 -4.48 16.37 -21.17
CA THR A 318 -5.23 17.53 -21.63
C THR A 318 -5.54 17.42 -23.13
N GLY A 319 -5.88 16.24 -23.60
CA GLY A 319 -6.13 16.01 -25.01
C GLY A 319 -7.56 15.58 -25.28
N ASP A 320 -8.03 15.88 -26.48
CA ASP A 320 -9.34 15.41 -26.95
C ASP A 320 -9.12 14.12 -27.73
N PHE A 321 -9.72 13.02 -27.24
CA PHE A 321 -9.56 11.72 -27.87
C PHE A 321 -10.90 11.05 -28.13
N GLN A 322 -11.98 11.83 -28.28
CA GLN A 322 -13.29 11.25 -28.47
C GLN A 322 -13.44 10.55 -29.82
N ASP A 323 -12.49 10.72 -30.74
CA ASP A 323 -12.53 10.06 -32.03
C ASP A 323 -11.55 8.89 -32.11
N LEU A 324 -10.97 8.47 -30.99
CA LEU A 324 -9.92 7.48 -30.99
C LEU A 324 -10.43 6.15 -30.45
N GLN A 325 -9.87 5.06 -30.98
CA GLN A 325 -10.15 3.72 -30.49
C GLN A 325 -8.82 3.01 -30.30
N VAL A 326 -8.55 2.57 -29.07
CA VAL A 326 -7.27 1.99 -28.71
C VAL A 326 -7.50 0.64 -28.06
N LEU A 327 -6.70 -0.34 -28.43
CA LEU A 327 -6.54 -1.58 -27.69
C LEU A 327 -5.19 -1.56 -27.00
N VAL A 328 -5.18 -1.78 -25.68
CA VAL A 328 -3.97 -1.75 -24.88
C VAL A 328 -3.97 -2.93 -23.92
N GLY A 329 -2.78 -3.40 -23.57
CA GLY A 329 -2.69 -4.55 -22.70
C GLY A 329 -1.26 -4.77 -22.25
N VAL A 330 -1.08 -5.81 -21.43
CA VAL A 330 0.22 -6.17 -20.88
C VAL A 330 0.28 -7.70 -20.82
N VAL A 331 1.50 -8.21 -20.66
CA VAL A 331 1.69 -9.62 -20.39
C VAL A 331 1.81 -9.81 -18.89
N LYS A 332 1.72 -11.06 -18.44
CA LYS A 332 1.57 -11.33 -17.02
C LYS A 332 2.81 -10.98 -16.23
N ASP A 333 4.01 -11.04 -16.83
CA ASP A 333 5.27 -10.84 -16.11
C ASP A 333 6.18 -9.88 -16.90
N GLU A 334 5.77 -8.60 -16.97
CA GLU A 334 6.49 -7.64 -17.80
C GLU A 334 7.95 -7.52 -17.39
N GLY A 335 8.24 -7.58 -16.09
CA GLY A 335 9.57 -7.21 -15.63
C GLY A 335 10.64 -8.28 -15.61
N SER A 336 10.24 -9.55 -15.58
CA SER A 336 11.19 -10.63 -15.30
C SER A 336 12.35 -10.63 -16.29
N TYR A 337 12.06 -10.40 -17.57
CA TYR A 337 13.09 -10.45 -18.61
C TYR A 337 14.28 -9.57 -18.26
N PHE A 338 14.02 -8.38 -17.71
CA PHE A 338 15.06 -7.36 -17.57
C PHE A 338 16.00 -7.61 -16.40
N LEU A 339 15.58 -8.40 -15.40
CA LEU A 339 16.38 -8.54 -14.20
C LEU A 339 17.76 -9.12 -14.51
N VAL A 340 17.84 -10.07 -15.44
CA VAL A 340 19.09 -10.78 -15.70
C VAL A 340 20.07 -9.91 -16.49
N TYR A 341 19.64 -8.71 -16.90
CA TYR A 341 20.52 -7.78 -17.57
C TYR A 341 21.15 -6.75 -16.63
N GLY A 342 21.05 -6.94 -15.32
CA GLY A 342 21.66 -5.96 -14.43
C GLY A 342 21.52 -6.16 -12.93
N VAL A 343 20.49 -6.85 -12.47
CA VAL A 343 20.21 -6.99 -11.04
C VAL A 343 21.00 -8.18 -10.51
N PRO A 344 22.01 -7.97 -9.65
CA PRO A 344 22.82 -9.10 -9.18
C PRO A 344 21.97 -10.10 -8.41
N GLY A 345 22.21 -11.39 -8.67
CA GLY A 345 21.42 -12.47 -8.12
C GLY A 345 20.53 -13.17 -9.12
N PHE A 346 20.31 -12.58 -10.29
CA PHE A 346 19.38 -13.12 -11.28
C PHE A 346 20.15 -13.75 -12.44
N SER A 347 19.62 -14.86 -12.95
CA SER A 347 20.18 -15.56 -14.09
C SER A 347 19.08 -16.36 -14.76
N LYS A 348 19.26 -16.64 -16.05
CA LYS A 348 18.35 -17.55 -16.73
C LYS A 348 18.65 -19.01 -16.40
N ASP A 349 19.81 -19.30 -15.82
CA ASP A 349 20.26 -20.66 -15.58
C ASP A 349 20.04 -21.14 -14.14
N ASN A 350 19.55 -20.30 -13.23
CA ASN A 350 19.18 -20.77 -11.90
C ASN A 350 17.85 -20.15 -11.50
N GLU A 351 17.34 -20.55 -10.34
CA GLU A 351 16.02 -20.11 -9.88
C GLU A 351 16.01 -18.64 -9.48
N SER A 352 17.17 -18.00 -9.35
CA SER A 352 17.23 -16.58 -9.04
C SER A 352 16.58 -16.23 -7.69
N LEU A 353 16.52 -17.19 -6.77
CA LEU A 353 16.07 -16.89 -5.42
C LEU A 353 17.06 -15.93 -4.76
N ILE A 354 16.60 -14.74 -4.40
CA ILE A 354 17.48 -13.69 -3.93
C ILE A 354 17.20 -13.39 -2.45
N SER A 355 18.13 -12.66 -1.85
CA SER A 355 18.05 -12.22 -0.46
C SER A 355 17.42 -10.84 -0.37
N ARG A 356 16.96 -10.51 0.84
CA ARG A 356 16.39 -9.20 1.08
C ARG A 356 17.37 -8.09 0.74
N ALA A 357 18.65 -8.31 0.95
CA ALA A 357 19.63 -7.30 0.59
C ALA A 357 19.73 -7.14 -0.91
N GLN A 358 19.66 -8.24 -1.66
CA GLN A 358 19.71 -8.14 -3.11
C GLN A 358 18.47 -7.45 -3.66
N PHE A 359 17.33 -7.63 -2.99
CA PHE A 359 16.12 -6.94 -3.39
C PHE A 359 16.27 -5.43 -3.25
N LEU A 360 16.85 -4.97 -2.13
CA LEU A 360 17.04 -3.54 -1.94
C LEU A 360 18.01 -2.97 -2.96
N ALA A 361 19.11 -3.68 -3.21
CA ALA A 361 20.04 -3.25 -4.25
C ALA A 361 19.38 -3.27 -5.62
N GLY A 362 18.56 -4.30 -5.89
CA GLY A 362 17.86 -4.37 -7.16
C GLY A 362 16.86 -3.26 -7.35
N VAL A 363 16.23 -2.79 -6.27
CA VAL A 363 15.24 -1.72 -6.41
C VAL A 363 15.92 -0.42 -6.80
N ARG A 364 17.13 -0.17 -6.30
CA ARG A 364 17.87 1.01 -6.73
C ARG A 364 18.22 0.96 -8.21
N ILE A 365 18.23 -0.23 -8.80
CA ILE A 365 18.60 -0.36 -10.20
C ILE A 365 17.38 -0.28 -11.11
N GLY A 366 16.28 -0.93 -10.73
CA GLY A 366 15.06 -0.84 -11.50
C GLY A 366 14.35 0.49 -11.41
N VAL A 367 14.57 1.23 -10.34
CA VAL A 367 13.98 2.55 -10.12
C VAL A 367 15.14 3.53 -10.00
N PRO A 368 15.96 3.69 -11.04
CA PRO A 368 17.23 4.40 -10.88
C PRO A 368 17.08 5.86 -10.54
N GLN A 369 15.89 6.43 -10.68
CA GLN A 369 15.69 7.84 -10.34
C GLN A 369 15.23 8.06 -8.90
N ALA A 370 14.95 7.00 -8.14
CA ALA A 370 14.37 7.18 -6.82
C ALA A 370 15.41 7.68 -5.83
N SER A 371 15.06 8.73 -5.10
CA SER A 371 15.78 9.09 -3.89
C SER A 371 15.71 7.96 -2.87
N ASP A 372 16.46 8.12 -1.79
CA ASP A 372 16.51 7.07 -0.77
C ASP A 372 15.12 6.82 -0.19
N LEU A 373 14.37 7.88 0.11
CA LEU A 373 13.04 7.71 0.67
C LEU A 373 12.10 7.03 -0.32
N ALA A 374 12.09 7.51 -1.57
CA ALA A 374 11.23 6.88 -2.57
C ALA A 374 11.58 5.41 -2.74
N ALA A 375 12.88 5.07 -2.73
CA ALA A 375 13.26 3.68 -2.82
C ALA A 375 12.75 2.89 -1.62
N GLU A 376 12.77 3.48 -0.44
CA GLU A 376 12.23 2.81 0.73
C GLU A 376 10.73 2.55 0.58
N ALA A 377 9.98 3.55 0.09
CA ALA A 377 8.56 3.36 -0.12
C ALA A 377 8.29 2.15 -1.02
N VAL A 378 9.07 2.00 -2.10
CA VAL A 378 8.87 0.89 -3.02
C VAL A 378 9.07 -0.43 -2.29
N VAL A 379 10.18 -0.55 -1.55
CA VAL A 379 10.48 -1.80 -0.83
C VAL A 379 9.41 -2.09 0.22
N LEU A 380 8.94 -1.06 0.92
CA LEU A 380 7.89 -1.28 1.90
C LEU A 380 6.60 -1.76 1.23
N HIS A 381 6.29 -1.20 0.05
CA HIS A 381 5.05 -1.58 -0.63
C HIS A 381 5.10 -3.02 -1.10
N TYR A 382 6.21 -3.45 -1.70
CA TYR A 382 6.26 -4.76 -2.32
C TYR A 382 6.70 -5.86 -1.38
N THR A 383 7.10 -5.54 -0.15
CA THR A 383 7.48 -6.58 0.80
C THR A 383 6.27 -7.38 1.23
N ASP A 384 6.46 -8.69 1.39
CA ASP A 384 5.45 -9.56 1.99
C ASP A 384 5.74 -9.65 3.49
N TRP A 385 5.05 -8.81 4.29
CA TRP A 385 5.41 -8.70 5.70
C TRP A 385 5.07 -9.92 6.52
N LEU A 386 4.40 -10.93 5.95
CA LEU A 386 4.32 -12.22 6.60
C LEU A 386 5.48 -13.15 6.24
N HIS A 387 6.20 -12.84 5.18
CA HIS A 387 7.36 -13.62 4.77
C HIS A 387 8.39 -12.66 4.20
N PRO A 388 8.84 -11.68 5.00
CA PRO A 388 9.67 -10.59 4.45
C PRO A 388 11.05 -11.01 3.97
N GLU A 389 11.50 -12.23 4.28
CA GLU A 389 12.79 -12.71 3.79
C GLU A 389 12.67 -13.92 2.87
N ASP A 390 11.47 -14.26 2.42
CA ASP A 390 11.29 -15.41 1.56
C ASP A 390 11.95 -15.16 0.21
N PRO A 391 12.95 -15.96 -0.17
CA PRO A 391 13.67 -15.68 -1.43
C PRO A 391 12.78 -15.75 -2.66
N THR A 392 11.76 -16.60 -2.65
CA THR A 392 10.90 -16.67 -3.83
C THR A 392 10.05 -15.41 -3.95
N HIS A 393 9.49 -14.93 -2.85
CA HIS A 393 8.69 -13.71 -2.94
C HIS A 393 9.55 -12.52 -3.32
N LEU A 394 10.74 -12.42 -2.72
CA LEU A 394 11.64 -11.32 -3.08
C LEU A 394 11.96 -11.35 -4.58
N ARG A 395 12.22 -12.53 -5.12
CA ARG A 395 12.46 -12.64 -6.56
C ARG A 395 11.26 -12.15 -7.34
N ASP A 396 10.06 -12.63 -7.00
CA ASP A 396 8.86 -12.25 -7.75
C ASP A 396 8.52 -10.78 -7.53
N ALA A 397 8.93 -10.21 -6.41
CA ALA A 397 8.68 -8.79 -6.15
C ALA A 397 9.63 -7.91 -6.94
N MET A 398 10.88 -8.35 -7.10
CA MET A 398 11.81 -7.64 -7.97
C MET A 398 11.25 -7.54 -9.39
N SER A 399 10.71 -8.65 -9.91
CA SER A 399 10.11 -8.61 -11.23
C SER A 399 8.88 -7.69 -11.26
N ALA A 400 8.05 -7.76 -10.21
CA ALA A 400 6.86 -6.92 -10.17
C ALA A 400 7.22 -5.43 -10.16
N VAL A 401 8.27 -5.05 -9.43
CA VAL A 401 8.68 -3.65 -9.40
C VAL A 401 9.02 -3.17 -10.81
N VAL A 402 9.93 -3.87 -11.49
CA VAL A 402 10.35 -3.44 -12.82
C VAL A 402 9.17 -3.45 -13.79
N GLY A 403 8.36 -4.50 -13.76
CA GLY A 403 7.23 -4.59 -14.67
C GLY A 403 6.16 -3.55 -14.40
N ASP A 404 5.87 -3.28 -13.12
CA ASP A 404 4.84 -2.31 -12.77
C ASP A 404 5.30 -0.89 -13.06
N HIS A 405 6.54 -0.56 -12.69
CA HIS A 405 7.03 0.79 -12.88
C HIS A 405 7.07 1.15 -14.37
N ASN A 406 7.55 0.22 -15.20
CA ASN A 406 7.84 0.54 -16.58
C ASN A 406 6.69 0.28 -17.56
N VAL A 407 5.77 -0.64 -17.27
CA VAL A 407 4.73 -1.00 -18.24
C VAL A 407 3.33 -0.94 -17.63
N VAL A 408 3.08 -1.75 -16.59
CA VAL A 408 1.69 -1.97 -16.17
C VAL A 408 1.04 -0.69 -15.67
N CYS A 409 1.80 0.16 -14.99
CA CYS A 409 1.15 1.35 -14.44
C CYS A 409 1.19 2.51 -15.44
N PRO A 410 2.22 2.63 -16.28
CA PRO A 410 2.10 3.54 -17.43
C PRO A 410 0.91 3.21 -18.31
N VAL A 411 0.73 1.93 -18.63
CA VAL A 411 -0.43 1.52 -19.43
C VAL A 411 -1.73 1.81 -18.67
N ALA A 412 -1.76 1.47 -17.38
CA ALA A 412 -2.97 1.71 -16.59
C ALA A 412 -3.32 3.19 -16.57
N GLN A 413 -2.32 4.05 -16.37
CA GLN A 413 -2.57 5.49 -16.44
C GLN A 413 -3.05 5.90 -17.83
N LEU A 414 -2.43 5.35 -18.89
CA LEU A 414 -2.84 5.71 -20.25
C LEU A 414 -4.30 5.33 -20.51
N ALA A 415 -4.67 4.09 -20.18
CA ALA A 415 -6.06 3.66 -20.36
C ALA A 415 -7.02 4.63 -19.69
N GLY A 416 -6.74 5.00 -18.44
CA GLY A 416 -7.66 5.85 -17.70
C GLY A 416 -7.74 7.26 -18.26
N ARG A 417 -6.62 7.79 -18.74
CA ARG A 417 -6.65 9.13 -19.34
C ARG A 417 -7.46 9.12 -20.64
N LEU A 418 -7.04 8.30 -21.61
CA LEU A 418 -7.78 8.23 -22.86
C LEU A 418 -9.26 7.97 -22.61
N ALA A 419 -9.57 7.09 -21.67
CA ALA A 419 -10.97 6.79 -21.37
C ALA A 419 -11.69 8.04 -20.87
N ALA A 420 -11.11 8.72 -19.88
CA ALA A 420 -11.77 9.89 -19.32
C ALA A 420 -11.96 10.99 -20.34
N GLN A 421 -11.18 10.99 -21.43
CA GLN A 421 -11.19 12.08 -22.39
C GLN A 421 -11.71 11.65 -23.76
N GLY A 422 -12.72 10.79 -23.77
CA GLY A 422 -13.53 10.54 -24.94
C GLY A 422 -13.22 9.28 -25.70
N ALA A 423 -12.04 8.69 -25.50
CA ALA A 423 -11.64 7.58 -26.34
C ALA A 423 -12.41 6.31 -25.97
N ARG A 424 -12.51 5.41 -26.96
CA ARG A 424 -12.99 4.05 -26.73
C ARG A 424 -11.78 3.17 -26.54
N VAL A 425 -11.73 2.46 -25.41
CA VAL A 425 -10.54 1.74 -24.97
C VAL A 425 -10.92 0.29 -24.69
N TYR A 426 -10.05 -0.63 -25.09
CA TYR A 426 -10.14 -2.03 -24.67
C TYR A 426 -8.81 -2.44 -24.06
N ALA A 427 -8.87 -3.14 -22.93
CA ALA A 427 -7.65 -3.54 -22.23
C ALA A 427 -7.65 -5.05 -22.01
N TYR A 428 -6.45 -5.62 -21.99
CA TYR A 428 -6.27 -7.05 -21.76
C TYR A 428 -5.05 -7.27 -20.89
N ILE A 429 -5.00 -8.44 -20.26
CA ILE A 429 -3.77 -9.01 -19.75
C ILE A 429 -3.56 -10.35 -20.43
N PHE A 430 -2.36 -10.57 -20.94
CA PHE A 430 -2.01 -11.77 -21.69
C PHE A 430 -1.27 -12.71 -20.75
N GLU A 431 -1.90 -13.83 -20.40
CA GLU A 431 -1.42 -14.68 -19.32
C GLU A 431 -0.92 -16.05 -19.74
N HIS A 432 -0.86 -16.35 -21.04
CA HIS A 432 -0.47 -17.68 -21.48
C HIS A 432 1.01 -17.71 -21.84
N ARG A 433 1.71 -18.73 -21.34
CA ARG A 433 3.13 -18.93 -21.58
C ARG A 433 3.30 -19.96 -22.69
N ALA A 434 3.97 -19.56 -23.78
CA ALA A 434 4.13 -20.46 -24.92
C ALA A 434 4.80 -21.75 -24.50
N SER A 435 4.23 -22.88 -24.92
CA SER A 435 4.84 -24.17 -24.64
C SER A 435 6.26 -24.27 -25.21
N THR A 436 6.61 -23.40 -26.16
CA THR A 436 7.90 -23.40 -26.82
C THR A 436 8.90 -22.45 -26.15
N LEU A 437 8.55 -21.83 -25.04
CA LEU A 437 9.40 -20.77 -24.49
C LEU A 437 10.68 -21.36 -23.90
N THR A 438 11.81 -20.70 -24.18
CA THR A 438 13.10 -21.19 -23.75
C THR A 438 13.64 -20.48 -22.52
N TRP A 439 13.02 -19.38 -22.09
CA TRP A 439 13.39 -18.77 -20.82
C TRP A 439 12.89 -19.65 -19.67
N PRO A 440 13.46 -19.49 -18.48
CA PRO A 440 13.07 -20.35 -17.36
C PRO A 440 11.66 -20.08 -16.89
N LEU A 441 11.10 -21.08 -16.20
CA LEU A 441 9.74 -20.96 -15.68
C LEU A 441 9.57 -19.72 -14.81
N TRP A 442 10.55 -19.42 -13.95
CA TRP A 442 10.33 -18.35 -12.97
C TRP A 442 10.02 -17.03 -13.63
N MET A 443 10.47 -16.82 -14.87
CA MET A 443 10.12 -15.59 -15.56
C MET A 443 8.65 -15.52 -15.99
N GLY A 444 7.92 -16.63 -15.89
CA GLY A 444 6.50 -16.59 -16.20
C GLY A 444 6.25 -16.34 -17.68
N VAL A 445 5.43 -15.33 -17.96
CA VAL A 445 5.15 -14.88 -19.32
C VAL A 445 5.95 -13.61 -19.58
N PRO A 446 7.14 -13.70 -20.16
CA PRO A 446 8.03 -12.54 -20.21
C PRO A 446 7.55 -11.49 -21.21
N HIS A 447 8.23 -10.35 -21.14
CA HIS A 447 7.98 -9.22 -22.03
C HIS A 447 8.12 -9.63 -23.50
N GLY A 448 7.10 -9.33 -24.30
CA GLY A 448 7.17 -9.55 -25.72
C GLY A 448 6.83 -10.95 -26.18
N TYR A 449 6.31 -11.81 -25.32
CA TYR A 449 6.04 -13.18 -25.71
C TYR A 449 4.57 -13.44 -25.98
N GLU A 450 3.79 -12.37 -26.16
CA GLU A 450 2.48 -12.50 -26.79
C GLU A 450 2.54 -12.26 -28.31
N ILE A 451 3.63 -11.69 -28.81
CA ILE A 451 3.68 -11.29 -30.22
C ILE A 451 3.49 -12.49 -31.14
N GLU A 452 4.29 -13.54 -30.93
CA GLU A 452 4.19 -14.73 -31.78
C GLU A 452 2.78 -15.30 -31.84
N PHE A 453 1.92 -15.00 -30.87
CA PHE A 453 0.54 -15.46 -30.96
C PHE A 453 -0.34 -14.50 -31.75
N ILE A 454 -0.07 -13.20 -31.66
CA ILE A 454 -0.88 -12.24 -32.40
C ILE A 454 -0.63 -12.37 -33.90
N PHE A 455 0.62 -12.65 -34.31
CA PHE A 455 0.94 -12.88 -35.73
C PHE A 455 0.60 -14.29 -36.20
N GLY A 456 0.27 -15.20 -35.30
CA GLY A 456 -0.20 -16.51 -35.71
C GLY A 456 0.86 -17.54 -36.01
N LEU A 457 2.09 -17.36 -35.53
CA LEU A 457 3.10 -18.40 -35.70
C LEU A 457 2.62 -19.78 -35.29
N PRO A 458 1.83 -19.95 -34.22
CA PRO A 458 1.40 -21.31 -33.84
C PRO A 458 0.75 -22.08 -34.97
N LEU A 459 0.29 -21.37 -36.02
CA LEU A 459 -0.31 -22.07 -37.17
C LEU A 459 0.73 -22.75 -38.05
N ASP A 460 1.99 -22.34 -37.96
CA ASP A 460 3.03 -23.00 -38.74
C ASP A 460 3.25 -24.41 -38.20
N PRO A 461 2.84 -25.45 -38.92
CA PRO A 461 2.86 -26.79 -38.32
C PRO A 461 4.24 -27.22 -37.85
N SER A 462 5.30 -26.70 -38.46
CA SER A 462 6.65 -27.09 -38.08
C SER A 462 7.10 -26.47 -36.75
N LEU A 463 6.40 -25.49 -36.20
CA LEU A 463 6.91 -24.82 -35.02
C LEU A 463 6.58 -25.54 -33.72
N ASN A 464 5.91 -26.69 -33.77
CA ASN A 464 5.76 -27.57 -32.61
C ASN A 464 4.92 -26.95 -31.49
N TYR A 465 3.96 -26.08 -31.81
CA TYR A 465 3.01 -25.64 -30.79
C TYR A 465 1.96 -26.72 -30.56
N THR A 466 1.15 -26.52 -29.52
CA THR A 466 0.04 -27.41 -29.21
C THR A 466 -1.18 -27.03 -30.03
N THR A 467 -2.16 -27.94 -30.08
CA THR A 467 -3.39 -27.65 -30.81
C THR A 467 -4.14 -26.48 -30.18
N GLU A 468 -4.27 -26.48 -28.85
CA GLU A 468 -4.95 -25.36 -28.20
C GLU A 468 -4.22 -24.05 -28.48
N GLU A 469 -2.89 -24.09 -28.51
CA GLU A 469 -2.14 -22.88 -28.85
C GLU A 469 -2.49 -22.40 -30.25
N ARG A 470 -2.66 -23.33 -31.20
CA ARG A 470 -3.12 -22.96 -32.53
C ARG A 470 -4.48 -22.28 -32.46
N ILE A 471 -5.46 -22.96 -31.85
CA ILE A 471 -6.80 -22.39 -31.72
C ILE A 471 -6.75 -21.05 -31.00
N PHE A 472 -5.88 -20.94 -29.98
CA PHE A 472 -5.75 -19.70 -29.24
C PHE A 472 -5.25 -18.56 -30.14
N ALA A 473 -4.24 -18.83 -30.96
CA ALA A 473 -3.71 -17.80 -31.84
C ALA A 473 -4.75 -17.32 -32.84
N GLN A 474 -5.61 -18.22 -33.29
CA GLN A 474 -6.70 -17.81 -34.18
C GLN A 474 -7.62 -16.83 -33.47
N ARG A 475 -8.01 -17.15 -32.23
CA ARG A 475 -8.81 -16.22 -31.45
C ARG A 475 -8.15 -14.84 -31.38
N LEU A 476 -6.85 -14.82 -31.10
CA LEU A 476 -6.17 -13.54 -30.95
C LEU A 476 -6.14 -12.78 -32.26
N MET A 477 -5.78 -13.46 -33.35
CA MET A 477 -5.84 -12.81 -34.67
C MET A 477 -7.24 -12.28 -34.94
N LYS A 478 -8.26 -13.06 -34.62
CA LYS A 478 -9.63 -12.60 -34.79
C LYS A 478 -9.87 -11.30 -34.02
N TYR A 479 -9.36 -11.21 -32.78
CA TYR A 479 -9.57 -10.02 -31.97
C TYR A 479 -8.90 -8.80 -32.61
N TRP A 480 -7.60 -8.91 -32.88
CA TRP A 480 -6.84 -7.79 -33.45
C TRP A 480 -7.46 -7.31 -34.78
N THR A 481 -7.71 -8.23 -35.72
CA THR A 481 -8.24 -7.80 -37.01
C THR A 481 -9.64 -7.22 -36.88
N ASN A 482 -10.51 -7.84 -36.08
CA ASN A 482 -11.83 -7.27 -35.85
C ASN A 482 -11.73 -5.84 -35.33
N PHE A 483 -10.80 -5.60 -34.40
CA PHE A 483 -10.60 -4.25 -33.90
C PHE A 483 -10.13 -3.32 -35.03
N ALA A 484 -9.26 -3.82 -35.91
CA ALA A 484 -8.85 -3.04 -37.08
C ALA A 484 -10.02 -2.74 -38.00
N ARG A 485 -10.85 -3.75 -38.28
CA ARG A 485 -11.95 -3.54 -39.21
C ARG A 485 -12.98 -2.56 -38.65
N THR A 486 -13.26 -2.64 -37.36
CA THR A 486 -14.43 -2.00 -36.79
C THR A 486 -14.16 -1.11 -35.58
N GLY A 487 -12.94 -1.11 -35.05
CA GLY A 487 -12.73 -0.46 -33.77
C GLY A 487 -13.29 -1.24 -32.61
N ASP A 488 -13.54 -2.54 -32.78
CA ASP A 488 -14.13 -3.39 -31.76
C ASP A 488 -13.63 -4.82 -31.93
N PRO A 489 -12.92 -5.37 -30.94
CA PRO A 489 -12.35 -6.72 -31.10
C PRO A 489 -13.39 -7.82 -31.15
N ASN A 490 -14.62 -7.54 -30.75
CA ASN A 490 -15.65 -8.57 -30.66
C ASN A 490 -16.16 -8.93 -32.04
N ASP A 491 -16.49 -10.20 -32.21
CA ASP A 491 -16.98 -10.69 -33.50
C ASP A 491 -18.44 -10.29 -33.67
N PRO A 492 -18.79 -9.56 -34.74
CA PRO A 492 -20.19 -9.13 -34.89
C PRO A 492 -21.18 -10.29 -34.85
N ARG A 493 -20.89 -11.38 -35.56
CA ARG A 493 -21.81 -12.51 -35.61
C ARG A 493 -21.78 -13.32 -34.32
N ASP A 494 -20.60 -13.81 -33.95
CA ASP A 494 -20.46 -14.68 -32.78
C ASP A 494 -20.87 -13.98 -31.49
N SER A 495 -22.10 -14.25 -31.04
CA SER A 495 -22.57 -13.71 -29.77
C SER A 495 -22.43 -14.70 -28.62
N LYS A 496 -22.29 -16.00 -28.92
CA LYS A 496 -22.15 -16.99 -27.86
C LYS A 496 -20.90 -16.72 -27.03
N SER A 497 -19.78 -16.41 -27.66
CA SER A 497 -18.56 -16.11 -26.92
C SER A 497 -18.81 -14.95 -25.95
N PRO A 498 -18.12 -14.92 -24.82
CA PRO A 498 -18.27 -13.79 -23.91
C PRO A 498 -17.77 -12.51 -24.56
N GLN A 499 -18.38 -11.39 -24.16
CA GLN A 499 -18.08 -10.11 -24.76
C GLN A 499 -16.93 -9.42 -24.02
N TRP A 500 -16.11 -8.70 -24.79
CA TRP A 500 -15.00 -7.91 -24.30
C TRP A 500 -15.50 -6.48 -24.10
N PRO A 501 -15.77 -6.05 -22.87
CA PRO A 501 -16.32 -4.70 -22.67
C PRO A 501 -15.22 -3.66 -22.80
N PRO A 502 -15.57 -2.42 -23.11
CA PRO A 502 -14.56 -1.35 -23.08
C PRO A 502 -14.07 -1.11 -21.66
N TYR A 503 -12.82 -0.64 -21.56
CA TYR A 503 -12.33 -0.14 -20.28
C TYR A 503 -12.91 1.24 -20.03
N THR A 504 -13.42 1.46 -18.81
CA THR A 504 -13.93 2.76 -18.40
C THR A 504 -13.39 3.11 -17.02
N THR A 505 -13.49 4.38 -16.68
CA THR A 505 -13.07 4.80 -15.34
C THR A 505 -14.01 4.25 -14.27
N ALA A 506 -15.31 4.27 -14.52
CA ALA A 506 -16.27 3.80 -13.54
C ALA A 506 -16.04 2.33 -13.20
N ALA A 507 -15.82 1.49 -14.21
CA ALA A 507 -15.78 0.05 -14.00
C ALA A 507 -14.40 -0.57 -14.15
N GLN A 508 -13.52 0.04 -14.93
CA GLN A 508 -12.12 -0.41 -15.01
C GLN A 508 -12.02 -1.87 -15.48
N GLN A 509 -12.84 -2.23 -16.45
CA GLN A 509 -12.90 -3.60 -16.93
C GLN A 509 -11.83 -3.89 -17.97
N TYR A 510 -11.28 -5.10 -17.90
CA TYR A 510 -10.33 -5.60 -18.87
C TYR A 510 -10.52 -7.11 -18.97
N VAL A 511 -9.84 -7.75 -19.90
CA VAL A 511 -10.02 -9.19 -20.08
C VAL A 511 -8.69 -9.90 -19.98
N SER A 512 -8.76 -11.15 -19.52
CA SER A 512 -7.62 -12.05 -19.56
C SER A 512 -7.63 -12.82 -20.87
N LEU A 513 -6.47 -12.89 -21.53
CA LEU A 513 -6.28 -13.66 -22.74
C LEU A 513 -5.43 -14.88 -22.42
N ASN A 514 -6.04 -16.06 -22.44
CA ASN A 514 -5.33 -17.31 -22.18
C ASN A 514 -6.10 -18.44 -22.87
N LEU A 515 -5.67 -19.68 -22.64
CA LEU A 515 -6.30 -20.81 -23.33
C LEU A 515 -7.78 -20.93 -22.99
N LYS A 516 -8.24 -20.36 -21.88
CA LYS A 516 -9.64 -20.45 -21.50
C LYS A 516 -10.42 -19.29 -22.11
N PRO A 517 -11.75 -19.37 -22.09
CA PRO A 517 -12.55 -18.30 -22.71
C PRO A 517 -12.32 -16.97 -22.02
N LEU A 518 -12.60 -15.90 -22.78
CA LEU A 518 -12.45 -14.54 -22.27
C LEU A 518 -13.10 -14.40 -20.90
N GLU A 519 -12.34 -13.86 -19.96
CA GLU A 519 -12.83 -13.61 -18.61
C GLU A 519 -12.62 -12.14 -18.26
N VAL A 520 -13.63 -11.52 -17.67
CA VAL A 520 -13.65 -10.08 -17.44
C VAL A 520 -13.22 -9.78 -16.01
N ARG A 521 -12.39 -8.76 -15.86
CA ARG A 521 -11.85 -8.39 -14.56
C ARG A 521 -11.90 -6.88 -14.42
N ARG A 522 -11.96 -6.41 -13.17
CA ARG A 522 -11.99 -5.00 -12.86
C ARG A 522 -10.73 -4.60 -12.11
N GLY A 523 -10.20 -3.42 -12.45
CA GLY A 523 -9.05 -2.87 -11.74
C GLY A 523 -7.73 -3.36 -12.29
N LEU A 524 -7.00 -2.46 -12.96
CA LEU A 524 -5.73 -2.80 -13.58
C LEU A 524 -4.63 -2.57 -12.55
N ARG A 525 -4.38 -3.58 -11.72
CA ARG A 525 -3.50 -3.43 -10.57
C ARG A 525 -3.73 -2.06 -9.92
N ALA A 526 -4.98 -1.84 -9.52
CA ALA A 526 -5.42 -0.50 -9.14
C ALA A 526 -4.68 0.01 -7.91
N GLN A 527 -4.63 -0.79 -6.83
CA GLN A 527 -3.94 -0.31 -5.62
C GLN A 527 -2.50 0.07 -5.91
N THR A 528 -1.71 -0.89 -6.42
CA THR A 528 -0.29 -0.63 -6.62
C THR A 528 -0.03 0.50 -7.60
N CYS A 529 -0.88 0.66 -8.61
CA CYS A 529 -0.61 1.72 -9.57
C CYS A 529 -0.99 3.09 -9.04
N ALA A 530 -1.89 3.17 -8.06
CA ALA A 530 -2.09 4.43 -7.36
C ALA A 530 -0.80 4.87 -6.67
N PHE A 531 -0.08 3.92 -6.08
CA PHE A 531 1.24 4.22 -5.54
C PHE A 531 2.14 4.83 -6.61
N TRP A 532 2.30 4.14 -7.74
CA TRP A 532 3.24 4.58 -8.77
C TRP A 532 2.77 5.86 -9.43
N ASN A 533 1.49 5.92 -9.79
CA ASN A 533 1.01 7.02 -10.63
C ASN A 533 0.61 8.26 -9.83
N ARG A 534 0.19 8.09 -8.58
CA ARG A 534 -0.34 9.19 -7.78
C ARG A 534 0.58 9.62 -6.65
N PHE A 535 1.13 8.68 -5.90
CA PHE A 535 1.93 9.06 -4.74
C PHE A 535 3.38 9.35 -5.08
N LEU A 536 4.05 8.41 -5.75
CA LEU A 536 5.48 8.57 -6.01
C LEU A 536 5.83 9.88 -6.71
N PRO A 537 5.05 10.36 -7.68
CA PRO A 537 5.40 11.65 -8.29
C PRO A 537 5.45 12.79 -7.30
N LYS A 538 4.56 12.81 -6.31
CA LYS A 538 4.58 13.85 -5.30
C LYS A 538 5.69 13.63 -4.27
N LEU A 539 6.04 12.37 -4.00
CA LEU A 539 7.12 12.10 -3.05
C LEU A 539 8.46 12.54 -3.61
N LEU A 540 8.72 12.23 -4.89
CA LEU A 540 9.93 12.72 -5.55
C LEU A 540 9.93 14.23 -5.73
N SER A 541 8.75 14.86 -5.76
CA SER A 541 8.69 16.32 -5.87
C SER A 541 9.22 17.00 -4.61
N ALA A 542 9.13 16.34 -3.46
CA ALA A 542 9.74 16.85 -2.24
C ALA A 542 11.16 16.33 -2.12
N THR A 543 11.31 15.07 -1.72
CA THR A 543 12.60 14.39 -1.66
C THR A 543 13.40 14.57 -2.95
N GLU B 4 -22.70 -9.52 63.00
CA GLU B 4 -21.44 -9.16 62.36
C GLU B 4 -20.80 -10.35 61.63
N ASP B 5 -20.72 -10.28 60.30
CA ASP B 5 -20.19 -11.38 59.50
C ASP B 5 -18.67 -11.41 59.58
N PRO B 6 -18.06 -12.53 60.00
CA PRO B 6 -16.59 -12.56 60.09
C PRO B 6 -15.92 -12.61 58.73
N GLN B 7 -16.53 -13.30 57.75
CA GLN B 7 -16.01 -13.27 56.40
C GLN B 7 -15.96 -11.86 55.83
N LEU B 8 -16.65 -10.90 56.46
CA LEU B 8 -16.71 -9.54 55.95
C LEU B 8 -15.78 -8.59 56.69
N LEU B 9 -14.99 -9.10 57.62
CA LEU B 9 -14.10 -8.29 58.45
C LEU B 9 -12.66 -8.60 58.08
N VAL B 10 -11.92 -7.58 57.66
CA VAL B 10 -10.52 -7.73 57.30
C VAL B 10 -9.71 -6.67 58.03
N ARG B 11 -8.52 -7.06 58.49
CA ARG B 11 -7.56 -6.14 59.07
C ARG B 11 -6.40 -5.96 58.11
N VAL B 12 -6.22 -4.73 57.62
CA VAL B 12 -5.08 -4.38 56.78
C VAL B 12 -4.17 -3.47 57.58
N ARG B 13 -2.99 -3.17 57.03
CA ARG B 13 -1.96 -2.45 57.77
C ARG B 13 -2.46 -1.12 58.33
N GLY B 14 -3.56 -0.60 57.83
CA GLY B 14 -4.01 0.72 58.26
C GLY B 14 -5.11 0.67 59.29
N GLY B 15 -5.72 -0.49 59.45
CA GLY B 15 -6.83 -0.65 60.36
C GLY B 15 -7.77 -1.74 59.86
N GLN B 16 -8.97 -1.76 60.44
CA GLN B 16 -9.95 -2.78 60.12
C GLN B 16 -10.98 -2.28 59.11
N LEU B 17 -11.36 -3.16 58.20
CA LEU B 17 -12.39 -2.90 57.20
C LEU B 17 -13.60 -3.78 57.46
N ARG B 18 -14.77 -3.26 57.12
CA ARG B 18 -15.96 -4.09 56.98
C ARG B 18 -16.36 -4.09 55.51
N GLY B 19 -16.45 -5.28 54.93
CA GLY B 19 -16.94 -5.45 53.58
C GLY B 19 -18.45 -5.61 53.56
N ILE B 20 -18.94 -6.03 52.41
CA ILE B 20 -20.37 -6.27 52.20
C ILE B 20 -20.52 -7.51 51.34
N ARG B 21 -21.55 -8.29 51.60
CA ARG B 21 -21.83 -9.49 50.82
C ARG B 21 -22.76 -9.14 49.68
N LEU B 22 -22.37 -9.50 48.47
CA LEU B 22 -23.14 -9.24 47.27
C LEU B 22 -23.54 -10.56 46.64
N LYS B 23 -24.72 -10.59 46.02
CA LYS B 23 -25.16 -11.78 45.31
C LYS B 23 -24.79 -11.66 43.84
N ALA B 24 -23.96 -12.58 43.37
CA ALA B 24 -23.77 -12.83 41.96
C ALA B 24 -24.71 -13.93 41.51
N PRO B 25 -24.87 -14.13 40.20
CA PRO B 25 -25.88 -15.10 39.74
C PRO B 25 -25.72 -16.48 40.38
N GLY B 26 -24.49 -16.94 40.58
CA GLY B 26 -24.24 -18.27 41.10
C GLY B 26 -23.96 -18.37 42.56
N GLY B 27 -23.86 -17.25 43.28
CA GLY B 27 -23.58 -17.28 44.69
C GLY B 27 -23.06 -15.95 45.21
N PRO B 28 -22.92 -15.84 46.54
CA PRO B 28 -22.41 -14.60 47.13
C PRO B 28 -20.95 -14.38 46.81
N VAL B 29 -20.54 -13.11 46.96
CA VAL B 29 -19.14 -12.73 46.89
C VAL B 29 -18.93 -11.64 47.93
N SER B 30 -17.70 -11.55 48.43
CA SER B 30 -17.31 -10.51 49.38
C SER B 30 -16.76 -9.31 48.63
N ALA B 31 -17.33 -8.13 48.89
CA ALA B 31 -16.89 -6.91 48.27
C ALA B 31 -16.42 -5.91 49.33
N PHE B 32 -15.27 -5.30 49.10
CA PHE B 32 -14.73 -4.25 49.96
C PHE B 32 -14.51 -3.04 49.08
N LEU B 33 -15.46 -2.11 49.12
CA LEU B 33 -15.47 -0.95 48.22
C LEU B 33 -15.08 0.31 48.98
N GLY B 34 -14.27 1.15 48.34
CA GLY B 34 -13.93 2.45 48.88
C GLY B 34 -12.78 2.48 49.85
N ILE B 35 -11.89 1.50 49.83
CA ILE B 35 -10.74 1.46 50.72
C ILE B 35 -9.76 2.58 50.37
N PRO B 36 -9.44 3.47 51.31
CA PRO B 36 -8.44 4.50 51.01
C PRO B 36 -7.05 3.90 50.94
N PHE B 37 -6.29 4.28 49.92
CA PHE B 37 -4.91 3.85 49.81
C PHE B 37 -3.93 5.01 49.78
N ALA B 38 -4.42 6.25 49.87
CA ALA B 38 -3.53 7.40 49.89
C ALA B 38 -4.25 8.56 50.54
N GLU B 39 -3.46 9.48 51.09
CA GLU B 39 -3.98 10.72 51.63
C GLU B 39 -4.72 11.49 50.54
N PRO B 40 -5.91 12.01 50.79
CA PRO B 40 -6.62 12.80 49.79
C PRO B 40 -5.72 13.87 49.20
N PRO B 41 -5.52 13.85 47.87
CA PRO B 41 -4.60 14.78 47.18
C PRO B 41 -5.22 16.14 46.94
N VAL B 42 -5.51 16.85 48.02
CA VAL B 42 -6.32 18.06 47.95
C VAL B 42 -5.54 19.25 48.50
N GLY B 43 -6.03 20.44 48.17
CA GLY B 43 -5.34 21.67 48.51
C GLY B 43 -3.91 21.71 48.00
N SER B 44 -2.96 21.68 48.93
CA SER B 44 -1.55 21.79 48.60
C SER B 44 -1.00 20.51 47.98
N ARG B 45 -1.76 19.43 48.02
CA ARG B 45 -1.37 18.17 47.42
C ARG B 45 -1.79 18.04 45.96
N ARG B 46 -2.56 18.98 45.43
CA ARG B 46 -2.90 18.97 44.03
C ARG B 46 -1.63 18.97 43.19
N PHE B 47 -1.58 18.07 42.20
CA PHE B 47 -0.47 17.88 41.27
C PHE B 47 0.72 17.16 41.91
N MET B 48 0.64 16.75 43.17
CA MET B 48 1.81 16.17 43.81
C MET B 48 1.73 14.65 43.82
N PRO B 49 2.86 13.97 44.01
CA PRO B 49 2.83 12.53 44.16
C PRO B 49 1.97 12.13 45.34
N PRO B 50 1.32 10.97 45.27
CA PRO B 50 0.47 10.54 46.39
C PRO B 50 1.30 10.14 47.61
N GLU B 51 0.66 10.23 48.78
CA GLU B 51 1.28 9.75 49.98
C GLU B 51 0.45 8.61 50.57
N PRO B 52 1.08 7.60 51.16
CA PRO B 52 0.32 6.49 51.71
C PRO B 52 -0.67 6.95 52.79
N LYS B 53 -1.82 6.29 52.83
CA LYS B 53 -2.88 6.68 53.74
C LYS B 53 -2.45 6.48 55.19
N ARG B 54 -2.88 7.39 56.06
CA ARG B 54 -2.59 7.22 57.46
C ARG B 54 -3.50 6.18 58.08
N PRO B 55 -3.02 5.46 59.11
CA PRO B 55 -3.89 4.52 59.84
C PRO B 55 -5.17 5.16 60.35
N TRP B 56 -6.20 4.35 60.59
CA TRP B 56 -7.45 4.83 61.15
C TRP B 56 -7.86 3.98 62.34
N SER B 57 -8.72 4.55 63.18
CA SER B 57 -9.28 3.86 64.33
C SER B 57 -10.61 3.21 63.97
N GLY B 58 -11.04 2.27 64.82
CA GLY B 58 -12.29 1.56 64.62
C GLY B 58 -12.33 0.75 63.33
N VAL B 59 -13.55 0.45 62.90
CA VAL B 59 -13.80 -0.34 61.69
C VAL B 59 -14.24 0.62 60.60
N LEU B 60 -13.42 0.75 59.57
CA LEU B 60 -13.77 1.60 58.44
C LEU B 60 -14.76 0.89 57.54
N ASP B 61 -15.84 1.58 57.19
CA ASP B 61 -16.93 1.00 56.43
C ASP B 61 -16.54 0.96 54.96
N ALA B 62 -16.35 -0.25 54.42
CA ALA B 62 -15.94 -0.43 53.02
C ALA B 62 -17.01 -1.13 52.21
N THR B 63 -18.24 -0.62 52.26
CA THR B 63 -19.38 -1.27 51.63
C THR B 63 -20.01 -0.45 50.51
N THR B 64 -19.35 0.62 50.07
CA THR B 64 -19.89 1.43 48.98
C THR B 64 -18.74 2.02 48.18
N PHE B 65 -19.02 2.33 46.93
CA PHE B 65 -18.03 3.00 46.09
C PHE B 65 -17.81 4.42 46.59
N GLN B 66 -16.57 4.85 46.55
CA GLN B 66 -16.18 6.20 46.94
C GLN B 66 -16.35 7.15 45.74
N ASN B 67 -15.89 8.38 45.92
CA ASN B 67 -16.05 9.41 44.90
C ASN B 67 -15.19 9.13 43.66
N VAL B 68 -15.60 9.72 42.56
CA VAL B 68 -14.89 9.61 41.28
C VAL B 68 -13.97 10.82 41.14
N CYS B 69 -12.71 10.55 40.78
CA CYS B 69 -11.74 11.63 40.60
C CYS B 69 -12.32 12.72 39.70
N TYR B 70 -12.15 13.98 40.12
CA TYR B 70 -12.75 15.07 39.38
C TYR B 70 -12.32 15.00 37.92
N GLN B 71 -13.28 15.20 37.01
CA GLN B 71 -13.02 14.92 35.60
C GLN B 71 -14.09 15.54 34.72
N TYR B 72 -13.70 15.86 33.49
CA TYR B 72 -14.65 16.23 32.46
C TYR B 72 -15.75 15.18 32.32
N VAL B 73 -16.98 15.65 32.15
CA VAL B 73 -18.15 14.79 32.01
C VAL B 73 -18.72 14.99 30.61
N ASP B 74 -18.75 13.91 29.82
CA ASP B 74 -19.12 14.02 28.42
C ASP B 74 -20.57 14.46 28.25
N THR B 75 -20.82 15.27 27.23
CA THR B 75 -22.14 15.83 26.97
C THR B 75 -22.58 15.69 25.52
N LEU B 76 -21.83 14.94 24.70
CA LEU B 76 -22.14 14.83 23.27
C LEU B 76 -23.59 14.40 23.06
N TYR B 77 -23.97 13.24 23.60
CA TYR B 77 -25.31 12.69 23.46
C TYR B 77 -25.94 12.62 24.85
N PRO B 78 -26.55 13.69 25.33
CA PRO B 78 -27.04 13.73 26.73
C PRO B 78 -28.18 12.75 26.94
N GLY B 79 -27.98 11.79 27.84
CA GLY B 79 -29.00 10.81 28.16
C GLY B 79 -28.92 9.52 27.39
N PHE B 80 -27.96 9.38 26.48
CA PHE B 80 -27.81 8.19 25.65
C PHE B 80 -26.95 7.16 26.38
N GLU B 81 -27.48 5.94 26.52
CA GLU B 81 -26.77 4.93 27.28
C GLU B 81 -25.36 4.72 26.77
N GLY B 82 -25.17 4.81 25.45
CA GLY B 82 -23.87 4.51 24.86
C GLY B 82 -22.75 5.41 25.35
N THR B 83 -23.05 6.65 25.70
CA THR B 83 -22.05 7.54 26.28
C THR B 83 -22.16 7.63 27.80
N GLU B 84 -23.39 7.67 28.33
CA GLU B 84 -23.58 7.80 29.77
C GLU B 84 -22.89 6.68 30.53
N MET B 85 -22.90 5.46 29.98
CA MET B 85 -22.32 4.31 30.66
C MET B 85 -20.86 4.54 31.05
N TRP B 86 -20.19 5.54 30.46
CA TRP B 86 -18.82 5.86 30.80
C TRP B 86 -18.70 7.09 31.70
N ASN B 87 -19.80 7.77 31.98
CA ASN B 87 -19.75 8.97 32.80
C ASN B 87 -19.67 8.61 34.28
N PRO B 88 -19.16 9.52 35.10
CA PRO B 88 -19.08 9.26 36.54
C PRO B 88 -20.45 8.85 37.08
N ASN B 89 -20.47 7.76 37.85
CA ASN B 89 -21.68 7.30 38.50
C ASN B 89 -21.63 7.55 40.01
N ARG B 90 -20.74 8.43 40.46
CA ARG B 90 -20.68 8.93 41.82
C ARG B 90 -20.35 10.41 41.79
N GLU B 91 -20.34 11.04 42.95
CA GLU B 91 -19.94 12.44 43.04
C GLU B 91 -18.49 12.60 42.62
N LEU B 92 -18.19 13.72 41.96
CA LEU B 92 -16.82 14.07 41.65
C LEU B 92 -16.15 14.69 42.87
N SER B 93 -14.83 14.50 42.96
CA SER B 93 -14.06 15.05 44.06
C SER B 93 -12.59 14.81 43.79
N GLU B 94 -11.75 15.81 44.10
CA GLU B 94 -10.30 15.56 44.10
C GLU B 94 -9.92 14.54 45.15
N ASP B 95 -10.75 14.36 46.17
CA ASP B 95 -10.53 13.34 47.20
C ASP B 95 -11.14 12.04 46.66
N CYS B 96 -10.31 11.26 45.96
CA CYS B 96 -10.81 10.13 45.18
C CYS B 96 -9.90 8.91 45.17
N LEU B 97 -8.82 8.91 45.94
CA LEU B 97 -7.83 7.84 45.86
C LEU B 97 -8.25 6.67 46.73
N TYR B 98 -9.14 5.85 46.17
CA TYR B 98 -9.66 4.67 46.85
C TYR B 98 -9.58 3.49 45.89
N LEU B 99 -9.67 2.27 46.45
CA LEU B 99 -9.62 1.08 45.64
C LEU B 99 -10.68 0.09 46.15
N ASN B 100 -10.98 -0.89 45.30
CA ASN B 100 -12.01 -1.89 45.59
C ASN B 100 -11.43 -3.29 45.43
N VAL B 101 -11.91 -4.21 46.26
CA VAL B 101 -11.46 -5.60 46.26
C VAL B 101 -12.70 -6.49 46.24
N TRP B 102 -12.83 -7.32 45.20
CA TRP B 102 -13.81 -8.40 45.19
C TRP B 102 -13.10 -9.72 45.45
N THR B 103 -13.82 -10.62 46.11
CA THR B 103 -13.28 -11.88 46.58
C THR B 103 -14.41 -12.89 46.60
N PRO B 104 -14.13 -14.17 46.34
CA PRO B 104 -15.13 -15.21 46.61
C PRO B 104 -15.61 -15.14 48.06
N TYR B 105 -16.68 -15.87 48.32
CA TYR B 105 -17.34 -15.91 49.61
C TYR B 105 -17.72 -17.35 49.93
N PRO B 106 -17.09 -17.98 50.92
CA PRO B 106 -16.19 -17.26 51.84
C PRO B 106 -14.84 -16.92 51.21
N ARG B 107 -14.02 -16.22 51.98
CA ARG B 107 -12.70 -15.82 51.53
C ARG B 107 -11.92 -17.04 51.05
N PRO B 108 -11.10 -16.91 50.01
CA PRO B 108 -10.33 -18.06 49.50
C PRO B 108 -9.60 -18.80 50.61
N ALA B 109 -9.60 -20.12 50.51
CA ALA B 109 -8.83 -20.95 51.45
C ALA B 109 -7.34 -20.93 51.11
N SER B 110 -7.01 -21.09 49.83
CA SER B 110 -5.64 -21.00 49.35
C SER B 110 -5.34 -19.59 48.86
N PRO B 111 -4.07 -19.21 48.82
CA PRO B 111 -3.71 -17.95 48.17
C PRO B 111 -4.12 -17.96 46.70
N THR B 112 -4.77 -16.89 46.27
CA THR B 112 -5.42 -16.84 44.98
C THR B 112 -4.79 -15.78 44.10
N PRO B 113 -4.52 -16.07 42.82
CA PRO B 113 -3.98 -15.05 41.93
C PRO B 113 -4.90 -13.84 41.88
N VAL B 114 -4.28 -12.67 41.72
CA VAL B 114 -4.96 -11.38 41.81
C VAL B 114 -4.97 -10.73 40.44
N LEU B 115 -6.12 -10.20 40.04
CA LEU B 115 -6.24 -9.37 38.86
C LEU B 115 -6.45 -7.92 39.29
N ILE B 116 -5.68 -7.01 38.70
CA ILE B 116 -5.77 -5.60 39.01
C ILE B 116 -6.22 -4.87 37.74
N TRP B 117 -7.44 -4.34 37.77
CA TRP B 117 -8.00 -3.58 36.65
C TRP B 117 -7.62 -2.10 36.73
N ILE B 118 -7.12 -1.56 35.62
CA ILE B 118 -6.82 -0.14 35.47
C ILE B 118 -7.72 0.41 34.36
N TYR B 119 -8.71 1.21 34.73
CA TYR B 119 -9.67 1.66 33.75
C TYR B 119 -9.05 2.62 32.74
N GLY B 120 -9.71 2.74 31.60
CA GLY B 120 -9.36 3.72 30.58
C GLY B 120 -10.19 4.98 30.72
N GLY B 121 -10.22 5.75 29.65
CA GLY B 121 -10.87 7.05 29.66
C GLY B 121 -9.98 8.16 29.13
N GLY B 122 -8.98 7.81 28.32
CA GLY B 122 -8.08 8.77 27.71
C GLY B 122 -7.25 9.60 28.68
N PHE B 123 -6.98 9.10 29.89
CA PHE B 123 -6.26 9.85 30.91
C PHE B 123 -6.95 11.14 31.31
N TYR B 124 -8.21 11.35 30.91
CA TYR B 124 -8.98 12.51 31.35
C TYR B 124 -10.28 12.14 32.04
N SER B 125 -10.56 10.86 32.21
CA SER B 125 -11.87 10.42 32.69
C SER B 125 -11.77 8.97 33.12
N GLY B 126 -12.86 8.47 33.68
CA GLY B 126 -12.92 7.08 34.08
C GLY B 126 -13.09 6.93 35.57
N ALA B 127 -13.58 5.77 36.00
CA ALA B 127 -13.78 5.48 37.42
C ALA B 127 -13.90 3.97 37.60
N ALA B 128 -13.41 3.47 38.73
CA ALA B 128 -13.43 2.04 38.97
C ALA B 128 -14.80 1.54 39.44
N SER B 129 -15.80 2.42 39.53
CA SER B 129 -17.14 2.05 39.99
C SER B 129 -18.14 1.85 38.86
N LEU B 130 -17.73 1.97 37.59
CA LEU B 130 -18.69 1.77 36.52
C LEU B 130 -19.21 0.34 36.52
N ASP B 131 -20.47 0.19 36.12
CA ASP B 131 -21.09 -1.14 36.07
C ASP B 131 -20.29 -2.12 35.21
N VAL B 132 -19.66 -1.67 34.13
CA VAL B 132 -18.94 -2.62 33.28
C VAL B 132 -17.65 -3.12 33.92
N TYR B 133 -17.22 -2.54 35.04
CA TYR B 133 -16.06 -3.03 35.77
C TYR B 133 -16.47 -3.79 37.03
N ASP B 134 -17.73 -4.19 37.13
CA ASP B 134 -18.20 -4.97 38.27
C ASP B 134 -17.41 -6.27 38.41
N GLY B 135 -16.71 -6.41 39.54
CA GLY B 135 -15.83 -7.53 39.76
C GLY B 135 -16.45 -8.79 40.33
N ARG B 136 -17.77 -8.82 40.53
CA ARG B 136 -18.36 -9.95 41.26
C ARG B 136 -18.35 -11.21 40.40
N PHE B 137 -18.61 -11.09 39.09
CA PHE B 137 -18.68 -12.27 38.25
C PHE B 137 -17.34 -13.00 38.21
N LEU B 138 -16.26 -12.26 38.01
CA LEU B 138 -14.96 -12.91 37.94
C LEU B 138 -14.62 -13.61 39.27
N ALA B 139 -14.96 -12.98 40.40
CA ALA B 139 -14.65 -13.59 41.69
C ALA B 139 -15.55 -14.78 41.98
N GLN B 140 -16.81 -14.73 41.55
CA GLN B 140 -17.76 -15.77 41.89
C GLN B 140 -17.59 -17.00 41.01
N VAL B 141 -17.32 -16.79 39.72
CA VAL B 141 -17.21 -17.90 38.77
C VAL B 141 -15.80 -18.46 38.73
N GLU B 142 -14.79 -17.60 38.59
CA GLU B 142 -13.41 -18.03 38.52
C GLU B 142 -12.71 -18.05 39.86
N GLY B 143 -13.38 -17.66 40.94
CA GLY B 143 -12.72 -17.60 42.23
C GLY B 143 -11.56 -16.64 42.29
N ALA B 144 -11.59 -15.58 41.49
CA ALA B 144 -10.50 -14.61 41.43
C ALA B 144 -10.64 -13.57 42.53
N VAL B 145 -9.49 -13.07 42.99
CA VAL B 145 -9.46 -11.84 43.77
C VAL B 145 -9.20 -10.71 42.78
N LEU B 146 -10.14 -9.77 42.72
CA LEU B 146 -10.16 -8.71 41.72
C LEU B 146 -10.01 -7.38 42.42
N VAL B 147 -9.09 -6.55 41.95
CA VAL B 147 -8.82 -5.24 42.52
C VAL B 147 -8.92 -4.17 41.44
N SER B 148 -9.50 -3.01 41.81
CA SER B 148 -9.49 -1.85 40.94
C SER B 148 -9.33 -0.59 41.80
N MET B 149 -8.56 0.38 41.27
CA MET B 149 -8.28 1.62 41.97
C MET B 149 -8.69 2.82 41.14
N ASN B 150 -9.12 3.87 41.81
CA ASN B 150 -9.22 5.17 41.16
C ASN B 150 -7.83 5.79 41.07
N TYR B 151 -7.65 6.67 40.09
CA TYR B 151 -6.40 7.40 39.96
C TYR B 151 -6.71 8.72 39.26
N ARG B 152 -5.96 9.76 39.62
CA ARG B 152 -6.29 11.09 39.14
C ARG B 152 -6.19 11.16 37.62
N VAL B 153 -7.14 11.87 37.00
CA VAL B 153 -7.18 12.04 35.56
C VAL B 153 -7.10 13.54 35.25
N GLY B 154 -6.88 13.85 33.97
CA GLY B 154 -6.82 15.22 33.49
C GLY B 154 -5.74 16.03 34.19
N THR B 155 -6.05 17.31 34.41
CA THR B 155 -5.06 18.21 34.98
C THR B 155 -4.56 17.73 36.34
N PHE B 156 -5.43 17.11 37.13
CA PHE B 156 -5.07 16.66 38.46
C PHE B 156 -4.13 15.46 38.45
N GLY B 157 -4.13 14.67 37.38
CA GLY B 157 -3.28 13.51 37.34
C GLY B 157 -2.01 13.70 36.53
N PHE B 158 -2.03 14.62 35.56
CA PHE B 158 -0.94 14.68 34.60
C PHE B 158 -0.49 16.08 34.18
N LEU B 159 -1.11 17.15 34.66
CA LEU B 159 -0.50 18.46 34.48
C LEU B 159 0.89 18.47 35.07
N ALA B 160 1.85 18.96 34.30
CA ALA B 160 3.26 18.84 34.67
C ALA B 160 4.04 20.05 34.18
N LEU B 161 4.79 20.66 35.08
CA LEU B 161 5.87 21.56 34.73
C LEU B 161 7.14 20.77 34.90
N PRO B 162 7.57 20.04 33.86
CA PRO B 162 8.68 19.10 34.01
C PRO B 162 9.88 19.74 34.70
N GLY B 163 10.46 18.99 35.63
CA GLY B 163 11.56 19.48 36.43
C GLY B 163 11.15 20.28 37.65
N SER B 164 9.89 20.72 37.73
CA SER B 164 9.45 21.45 38.92
C SER B 164 9.27 20.48 40.08
N ARG B 165 9.32 21.03 41.28
CA ARG B 165 9.00 20.23 42.45
C ARG B 165 7.49 20.14 42.68
N GLU B 166 6.74 21.19 42.31
CA GLU B 166 5.34 21.28 42.67
C GLU B 166 4.41 20.58 41.69
N ALA B 167 4.88 20.29 40.49
CA ALA B 167 4.10 19.54 39.50
C ALA B 167 5.05 18.76 38.62
N PRO B 168 5.50 17.59 39.07
CA PRO B 168 6.49 16.82 38.31
C PRO B 168 5.92 15.95 37.21
N GLY B 169 4.60 15.90 37.05
CA GLY B 169 3.97 15.06 36.06
C GLY B 169 3.87 13.61 36.51
N ASN B 170 2.93 12.90 35.88
CA ASN B 170 2.75 11.46 36.05
C ASN B 170 2.16 11.06 37.40
N VAL B 171 1.65 12.01 38.19
CA VAL B 171 1.19 11.61 39.52
C VAL B 171 0.02 10.64 39.40
N GLY B 172 -0.74 10.70 38.32
CA GLY B 172 -1.80 9.72 38.12
C GLY B 172 -1.26 8.31 37.99
N LEU B 173 -0.11 8.16 37.32
CA LEU B 173 0.53 6.85 37.27
C LEU B 173 1.09 6.47 38.64
N LEU B 174 1.65 7.44 39.37
CA LEU B 174 2.10 7.14 40.73
C LEU B 174 0.95 6.76 41.65
N ASP B 175 -0.27 7.22 41.36
CA ASP B 175 -1.41 6.74 42.13
C ASP B 175 -1.61 5.24 41.91
N GLN B 176 -1.61 4.82 40.64
CA GLN B 176 -1.74 3.41 40.32
C GLN B 176 -0.65 2.60 41.00
N ARG B 177 0.59 3.11 40.97
N ARG B 177 0.59 3.10 40.96
CA ARG B 177 1.71 2.38 41.55
CA ARG B 177 1.69 2.34 41.56
C ARG B 177 1.53 2.21 43.06
C ARG B 177 1.49 2.18 43.07
N LEU B 178 1.07 3.26 43.75
CA LEU B 178 0.83 3.14 45.18
C LEU B 178 -0.22 2.07 45.46
N ALA B 179 -1.26 2.01 44.62
CA ALA B 179 -2.27 0.97 44.76
C ALA B 179 -1.67 -0.41 44.53
N LEU B 180 -0.74 -0.53 43.57
CA LEU B 180 -0.02 -1.79 43.40
C LEU B 180 0.78 -2.13 44.65
N GLN B 181 1.48 -1.14 45.22
N GLN B 181 1.49 -1.14 45.22
CA GLN B 181 2.22 -1.37 46.46
CA GLN B 181 2.21 -1.39 46.46
C GLN B 181 1.28 -1.76 47.59
C GLN B 181 1.26 -1.81 47.57
N TRP B 182 0.08 -1.18 47.62
CA TRP B 182 -0.91 -1.55 48.63
C TRP B 182 -1.30 -3.01 48.50
N VAL B 183 -1.53 -3.47 47.27
CA VAL B 183 -1.89 -4.87 47.05
C VAL B 183 -0.82 -5.79 47.60
N GLN B 184 0.44 -5.50 47.32
CA GLN B 184 1.53 -6.31 47.86
C GLN B 184 1.42 -6.43 49.37
N GLU B 185 1.12 -5.32 50.06
CA GLU B 185 1.17 -5.30 51.51
C GLU B 185 -0.10 -5.80 52.17
N ASN B 186 -1.23 -5.88 51.45
CA ASN B 186 -2.48 -6.16 52.14
C ASN B 186 -3.29 -7.30 51.52
N ILE B 187 -3.09 -7.57 50.23
CA ILE B 187 -4.01 -8.46 49.53
C ILE B 187 -4.05 -9.83 50.20
N ALA B 188 -2.92 -10.31 50.71
CA ALA B 188 -2.90 -11.60 51.38
C ALA B 188 -3.88 -11.66 52.54
N ALA B 189 -4.29 -10.52 53.11
CA ALA B 189 -5.31 -10.55 54.16
C ALA B 189 -6.70 -10.82 53.61
N PHE B 190 -6.90 -10.64 52.30
CA PHE B 190 -8.15 -10.98 51.64
C PHE B 190 -8.13 -12.37 51.03
N GLY B 191 -7.00 -13.09 51.12
CA GLY B 191 -6.84 -14.35 50.45
C GLY B 191 -6.12 -14.26 49.12
N GLY B 192 -5.76 -13.06 48.69
CA GLY B 192 -5.01 -12.92 47.46
C GLY B 192 -3.58 -13.37 47.61
N ASP B 193 -2.96 -13.70 46.47
CA ASP B 193 -1.58 -14.15 46.41
C ASP B 193 -0.72 -13.03 45.83
N PRO B 194 -0.01 -12.26 46.65
CA PRO B 194 0.79 -11.15 46.12
C PRO B 194 1.92 -11.59 45.22
N MET B 195 2.24 -12.88 45.18
N MET B 195 2.24 -12.88 45.18
CA MET B 195 3.24 -13.41 44.28
CA MET B 195 3.25 -13.40 44.27
C MET B 195 2.67 -13.78 42.92
C MET B 195 2.66 -13.82 42.92
N SER B 196 1.39 -13.51 42.67
CA SER B 196 0.74 -13.76 41.38
C SER B 196 -0.24 -12.61 41.16
N VAL B 197 0.24 -11.51 40.59
CA VAL B 197 -0.56 -10.33 40.33
C VAL B 197 -0.51 -10.05 38.84
N THR B 198 -1.68 -10.00 38.21
CA THR B 198 -1.80 -9.68 36.79
C THR B 198 -2.51 -8.34 36.66
N LEU B 199 -1.87 -7.40 35.96
CA LEU B 199 -2.54 -6.15 35.59
C LEU B 199 -3.32 -6.36 34.30
N PHE B 200 -4.48 -5.73 34.20
CA PHE B 200 -5.13 -5.62 32.91
C PHE B 200 -5.92 -4.32 32.87
N GLY B 201 -6.05 -3.77 31.66
CA GLY B 201 -6.73 -2.50 31.45
C GLY B 201 -6.97 -2.28 29.98
N GLU B 202 -7.80 -1.28 29.70
CA GLU B 202 -8.28 -1.01 28.35
C GLU B 202 -8.05 0.45 28.00
N SER B 203 -7.81 0.71 26.71
CA SER B 203 -7.49 2.06 26.24
C SER B 203 -6.41 2.68 27.13
N ALA B 204 -6.69 3.82 27.75
CA ALA B 204 -5.66 4.47 28.57
C ALA B 204 -5.20 3.57 29.71
N GLY B 205 -6.09 2.70 30.20
CA GLY B 205 -5.66 1.72 31.19
C GLY B 205 -4.65 0.73 30.63
N ALA B 206 -4.88 0.26 29.39
CA ALA B 206 -3.90 -0.60 28.75
C ALA B 206 -2.56 0.13 28.63
N ALA B 207 -2.58 1.37 28.16
CA ALA B 207 -1.35 2.13 28.07
C ALA B 207 -0.67 2.23 29.42
N SER B 208 -1.44 2.52 30.48
CA SER B 208 -0.88 2.58 31.83
C SER B 208 -0.15 1.28 32.18
N VAL B 209 -0.83 0.14 32.02
CA VAL B 209 -0.19 -1.16 32.20
C VAL B 209 1.16 -1.18 31.49
N GLY B 210 1.19 -0.72 30.24
CA GLY B 210 2.43 -0.74 29.47
C GLY B 210 3.52 0.12 30.08
N MET B 211 3.15 1.25 30.66
CA MET B 211 4.15 2.08 31.31
C MET B 211 4.65 1.46 32.62
N HIS B 212 3.81 0.69 33.31
CA HIS B 212 4.33 -0.07 34.43
C HIS B 212 5.29 -1.16 33.95
N ILE B 213 5.05 -1.73 32.77
CA ILE B 213 6.04 -2.65 32.20
C ILE B 213 7.36 -1.93 31.94
N LEU B 214 7.30 -0.65 31.56
CA LEU B 214 8.49 0.11 31.16
C LEU B 214 9.07 0.96 32.28
N SER B 215 8.65 0.75 33.53
CA SER B 215 9.14 1.54 34.65
C SER B 215 9.61 0.60 35.75
N LEU B 216 10.92 0.58 35.99
CA LEU B 216 11.49 -0.41 36.91
C LEU B 216 10.82 -0.43 38.28
N PRO B 217 10.59 0.68 38.96
CA PRO B 217 9.96 0.59 40.29
C PRO B 217 8.62 -0.13 40.27
N SER B 218 7.87 -0.09 39.16
CA SER B 218 6.62 -0.83 39.07
C SER B 218 6.83 -2.31 38.82
N ARG B 219 8.00 -2.70 38.30
CA ARG B 219 8.19 -4.07 37.85
C ARG B 219 8.20 -5.06 39.01
N SER B 220 8.57 -4.62 40.20
CA SER B 220 8.54 -5.53 41.34
C SER B 220 7.15 -5.65 41.96
N LEU B 221 6.10 -5.16 41.29
CA LEU B 221 4.78 -5.14 41.87
C LEU B 221 3.76 -5.98 41.10
N PHE B 222 4.12 -6.54 39.95
CA PHE B 222 3.21 -7.38 39.20
C PHE B 222 4.02 -8.41 38.43
N HIS B 223 3.33 -9.43 37.91
CA HIS B 223 3.97 -10.55 37.24
C HIS B 223 3.51 -10.77 35.81
N ARG B 224 2.32 -10.30 35.44
CA ARG B 224 1.80 -10.46 34.10
C ARG B 224 0.90 -9.29 33.77
N ALA B 225 0.69 -9.05 32.47
CA ALA B 225 -0.02 -7.87 32.03
C ALA B 225 -0.94 -8.20 30.85
N VAL B 226 -2.02 -7.44 30.74
CA VAL B 226 -2.99 -7.52 29.67
C VAL B 226 -3.25 -6.10 29.20
N LEU B 227 -3.07 -5.86 27.91
CA LEU B 227 -3.28 -4.52 27.34
C LEU B 227 -4.39 -4.63 26.31
N GLN B 228 -5.58 -4.18 26.69
CA GLN B 228 -6.73 -4.21 25.82
C GLN B 228 -6.87 -2.85 25.14
N SER B 229 -6.62 -2.82 23.83
CA SER B 229 -6.91 -1.67 22.98
C SER B 229 -6.17 -0.42 23.43
N GLY B 230 -4.89 -0.57 23.75
CA GLY B 230 -4.08 0.55 24.20
C GLY B 230 -2.63 0.20 24.42
N THR B 231 -1.73 1.16 24.25
CA THR B 231 -0.30 0.90 24.32
C THR B 231 0.41 2.12 24.87
N PRO B 232 1.57 1.93 25.52
CA PRO B 232 2.34 3.11 25.96
C PRO B 232 3.00 3.81 24.80
N ASN B 233 3.43 3.06 23.79
CA ASN B 233 3.85 3.65 22.54
C ASN B 233 2.63 4.18 21.80
N GLY B 234 2.87 4.83 20.67
CA GLY B 234 1.78 5.35 19.88
C GLY B 234 1.69 6.87 19.94
N PRO B 235 0.67 7.44 19.30
CA PRO B 235 0.64 8.90 19.12
C PRO B 235 -0.11 9.69 20.19
N TRP B 236 -0.81 9.06 21.12
CA TRP B 236 -1.64 9.78 22.08
C TRP B 236 -1.33 9.51 23.54
N ALA B 237 -0.59 8.44 23.86
CA ALA B 237 -0.47 7.99 25.24
C ALA B 237 0.54 8.80 26.04
N THR B 238 1.49 9.48 25.39
CA THR B 238 2.50 10.25 26.08
C THR B 238 2.72 11.57 25.36
N VAL B 239 3.48 12.45 26.00
CA VAL B 239 3.92 13.72 25.43
C VAL B 239 5.34 14.00 25.90
N SER B 240 5.99 14.90 25.20
CA SER B 240 7.34 15.27 25.55
C SER B 240 7.30 16.30 26.66
N ALA B 241 8.41 16.38 27.42
CA ALA B 241 8.51 17.39 28.46
C ALA B 241 8.13 18.77 27.92
N GLY B 242 8.61 19.09 26.72
CA GLY B 242 8.33 20.40 26.16
C GLY B 242 6.86 20.65 25.92
N GLU B 243 6.19 19.69 25.26
CA GLU B 243 4.77 19.88 24.95
C GLU B 243 3.91 19.89 26.20
N ALA B 244 4.33 19.19 27.26
CA ALA B 244 3.59 19.23 28.53
C ALA B 244 3.81 20.56 29.22
N ARG B 245 5.04 21.07 29.20
CA ARG B 245 5.30 22.39 29.73
C ARG B 245 4.46 23.43 28.99
N ARG B 246 4.31 23.28 27.67
CA ARG B 246 3.53 24.24 26.90
C ARG B 246 2.07 24.23 27.33
N ARG B 247 1.47 23.04 27.40
CA ARG B 247 0.03 22.96 27.65
C ARG B 247 -0.31 23.44 29.05
N ALA B 248 0.51 23.09 30.04
CA ALA B 248 0.26 23.56 31.40
C ALA B 248 0.36 25.08 31.48
N THR B 249 1.43 25.65 30.92
CA THR B 249 1.56 27.10 30.89
C THR B 249 0.39 27.77 30.19
N LEU B 250 -0.19 27.11 29.17
CA LEU B 250 -1.32 27.71 28.47
C LEU B 250 -2.60 27.62 29.31
N LEU B 251 -2.83 26.47 29.93
CA LEU B 251 -3.97 26.36 30.85
C LEU B 251 -3.88 27.38 31.97
N ALA B 252 -2.66 27.64 32.46
CA ALA B 252 -2.49 28.65 33.47
C ALA B 252 -2.91 30.01 32.96
N ARG B 253 -2.45 30.37 31.75
CA ARG B 253 -2.85 31.64 31.17
C ARG B 253 -4.37 31.75 31.09
N LEU B 254 -5.02 30.68 30.64
CA LEU B 254 -6.47 30.70 30.42
C LEU B 254 -7.27 30.82 31.71
N VAL B 255 -6.66 30.60 32.87
CA VAL B 255 -7.34 30.70 34.15
C VAL B 255 -6.81 31.86 34.99
N GLY B 256 -5.98 32.72 34.42
CA GLY B 256 -5.50 33.90 35.12
C GLY B 256 -4.15 33.75 35.78
N CYS B 257 -3.53 32.57 35.74
CA CYS B 257 -2.24 32.31 36.35
C CYS B 257 -1.12 32.40 35.32
N PRO B 258 -0.01 33.08 35.64
CA PRO B 258 0.13 33.86 36.88
C PRO B 258 -0.37 35.29 36.71
N PRO B 259 -0.90 35.90 37.78
CA PRO B 259 -1.35 37.31 37.73
C PRO B 259 -0.20 38.30 37.53
N ASN B 265 8.56 31.72 36.68
CA ASN B 265 8.76 30.96 37.90
C ASN B 265 7.74 29.81 38.00
N ASP B 266 8.23 28.58 38.19
CA ASP B 266 7.32 27.43 38.26
C ASP B 266 6.49 27.46 39.54
N THR B 267 7.12 27.74 40.68
CA THR B 267 6.41 27.74 41.96
C THR B 267 5.30 28.78 41.97
N GLU B 268 5.63 30.02 41.58
CA GLU B 268 4.62 31.04 41.39
C GLU B 268 3.42 30.49 40.62
N LEU B 269 3.68 29.90 39.46
CA LEU B 269 2.59 29.52 38.57
C LEU B 269 1.77 28.37 39.15
N ILE B 270 2.43 27.38 39.74
CA ILE B 270 1.68 26.24 40.29
C ILE B 270 0.88 26.66 41.52
N ALA B 271 1.41 27.59 42.32
CA ALA B 271 0.67 28.06 43.48
C ALA B 271 -0.69 28.61 43.05
N CYS B 272 -0.71 29.48 42.04
CA CYS B 272 -1.97 30.07 41.61
C CYS B 272 -2.93 29.01 41.10
N LEU B 273 -2.43 28.00 40.37
CA LEU B 273 -3.31 26.94 39.90
C LEU B 273 -3.92 26.16 41.06
N ARG B 274 -3.18 25.98 42.16
CA ARG B 274 -3.76 25.29 43.31
C ARG B 274 -4.85 26.11 43.98
N THR B 275 -4.97 27.38 43.61
CA THR B 275 -6.04 28.28 44.01
C THR B 275 -7.32 28.06 43.22
N ARG B 276 -7.27 27.27 42.16
CA ARG B 276 -8.50 27.42 41.40
C ARG B 276 -9.47 26.27 41.65
N PRO B 277 -10.76 26.57 41.77
CA PRO B 277 -11.77 25.50 41.81
C PRO B 277 -11.53 24.50 40.69
N ALA B 278 -11.82 23.22 40.98
CA ALA B 278 -11.49 22.15 40.05
C ALA B 278 -12.12 22.37 38.68
N GLN B 279 -13.40 22.76 38.64
CA GLN B 279 -14.08 22.91 37.36
C GLN B 279 -13.49 24.03 36.53
N ASP B 280 -12.88 25.04 37.15
CA ASP B 280 -12.19 26.08 36.40
C ASP B 280 -11.08 25.48 35.54
N LEU B 281 -10.38 24.47 36.06
CA LEU B 281 -9.36 23.82 35.25
C LEU B 281 -9.98 22.90 34.21
N VAL B 282 -11.01 22.15 34.58
CA VAL B 282 -11.68 21.28 33.62
C VAL B 282 -12.28 22.10 32.48
N ASP B 283 -12.81 23.28 32.79
CA ASP B 283 -13.42 24.14 31.77
C ASP B 283 -12.51 24.38 30.57
N HIS B 284 -11.19 24.36 30.78
CA HIS B 284 -10.24 24.75 29.74
C HIS B 284 -9.35 23.60 29.31
N GLU B 285 -9.51 22.42 29.90
CA GLU B 285 -8.64 21.29 29.59
C GLU B 285 -8.52 21.05 28.09
N TRP B 286 -9.61 21.21 27.35
CA TRP B 286 -9.62 20.86 25.92
C TRP B 286 -9.12 21.97 25.03
N HIS B 287 -8.81 23.15 25.57
CA HIS B 287 -8.41 24.29 24.75
C HIS B 287 -6.90 24.41 24.61
N VAL B 288 -6.14 23.44 25.07
CA VAL B 288 -4.68 23.50 25.00
C VAL B 288 -4.10 22.57 23.96
N LEU B 289 -4.93 21.83 23.23
CA LEU B 289 -4.41 20.94 22.21
C LEU B 289 -3.87 21.75 21.03
N PRO B 290 -2.71 21.37 20.49
CA PRO B 290 -2.09 22.19 19.44
C PRO B 290 -2.82 22.17 18.12
N GLN B 291 -3.63 21.14 17.84
CA GLN B 291 -4.35 21.06 16.57
C GLN B 291 -5.75 20.54 16.84
N GLU B 292 -6.67 20.90 15.94
CA GLU B 292 -7.98 20.28 15.93
C GLU B 292 -7.81 18.79 15.69
N SER B 293 -8.41 17.95 16.53
CA SER B 293 -8.10 16.53 16.46
C SER B 293 -9.16 15.70 17.14
N ILE B 294 -9.12 14.39 16.85
CA ILE B 294 -9.77 13.37 17.65
C ILE B 294 -8.68 12.42 18.13
N PHE B 295 -8.98 11.71 19.21
CA PHE B 295 -8.05 10.76 19.80
C PHE B 295 -6.75 11.45 20.24
N ARG B 296 -6.88 12.68 20.73
CA ARG B 296 -5.77 13.39 21.35
C ARG B 296 -6.26 13.99 22.67
N PHE B 297 -5.45 13.84 23.71
CA PHE B 297 -5.86 14.23 25.05
C PHE B 297 -4.86 15.21 25.63
N SER B 298 -5.38 16.20 26.34
CA SER B 298 -4.56 17.35 26.74
C SER B 298 -3.54 16.98 27.82
N PHE B 299 -3.90 16.12 28.77
CA PHE B 299 -3.02 15.83 29.89
C PHE B 299 -2.89 14.32 30.08
N VAL B 300 -1.72 13.80 29.74
CA VAL B 300 -1.42 12.38 29.63
C VAL B 300 -0.02 12.19 30.19
N PRO B 301 0.42 10.96 30.45
CA PRO B 301 1.78 10.75 30.94
C PRO B 301 2.80 11.52 30.11
N VAL B 302 3.86 11.97 30.78
CA VAL B 302 4.91 12.77 30.18
C VAL B 302 6.21 11.98 30.19
N VAL B 303 7.03 12.19 29.16
CA VAL B 303 8.33 11.56 29.12
C VAL B 303 9.28 12.38 29.99
N ASP B 304 9.27 12.10 31.29
CA ASP B 304 9.94 12.91 32.29
C ASP B 304 11.40 12.51 32.52
N GLY B 305 11.86 11.40 31.94
CA GLY B 305 13.16 10.89 32.31
C GLY B 305 13.21 10.31 33.70
N ASP B 306 12.06 10.18 34.35
CA ASP B 306 11.95 9.64 35.71
C ASP B 306 11.09 8.38 35.69
N PHE B 307 9.77 8.56 35.79
CA PHE B 307 8.89 7.41 35.61
C PHE B 307 9.17 6.72 34.28
N LEU B 308 9.34 7.51 33.23
CA LEU B 308 9.67 7.03 31.88
C LEU B 308 11.06 7.57 31.55
N SER B 309 12.08 6.71 31.66
CA SER B 309 13.45 7.15 31.42
C SER B 309 13.68 7.61 29.99
N ASP B 310 12.87 7.12 29.06
CA ASP B 310 12.93 7.54 27.66
C ASP B 310 11.55 7.38 27.05
N THR B 311 11.43 7.71 25.77
CA THR B 311 10.15 7.53 25.09
C THR B 311 9.75 6.06 25.12
N PRO B 312 8.45 5.77 25.21
CA PRO B 312 8.01 4.36 25.14
C PRO B 312 8.62 3.59 23.98
N GLU B 313 8.73 4.21 22.80
CA GLU B 313 9.31 3.50 21.66
C GLU B 313 10.76 3.13 21.96
N ALA B 314 11.55 4.07 22.47
CA ALA B 314 12.94 3.76 22.82
C ALA B 314 13.01 2.65 23.87
N LEU B 315 12.09 2.66 24.83
CA LEU B 315 12.15 1.69 25.92
C LEU B 315 11.75 0.30 25.45
N ILE B 316 10.75 0.20 24.57
CA ILE B 316 10.38 -1.13 24.08
C ILE B 316 11.44 -1.64 23.12
N ASN B 317 12.14 -0.73 22.43
CA ASN B 317 13.13 -1.15 21.44
C ASN B 317 14.36 -1.78 22.09
N THR B 318 14.65 -1.44 23.35
CA THR B 318 15.89 -1.85 23.98
C THR B 318 15.72 -2.69 25.24
N GLY B 319 14.54 -2.68 25.86
CA GLY B 319 14.37 -3.38 27.13
C GLY B 319 14.47 -4.89 26.97
N ASP B 320 14.76 -5.54 28.11
CA ASP B 320 14.77 -6.99 28.19
C ASP B 320 13.50 -7.45 28.88
N PHE B 321 12.69 -8.23 28.16
CA PHE B 321 11.37 -8.63 28.66
C PHE B 321 11.26 -10.14 28.82
N GLN B 322 12.37 -10.79 29.17
CA GLN B 322 12.45 -12.25 29.07
C GLN B 322 11.45 -12.95 29.99
N ASP B 323 11.37 -12.52 31.25
CA ASP B 323 10.53 -13.21 32.22
C ASP B 323 9.13 -12.60 32.33
N LEU B 324 8.60 -12.08 31.24
CA LEU B 324 7.34 -11.36 31.21
C LEU B 324 6.36 -12.06 30.27
N GLN B 325 5.08 -12.01 30.61
CA GLN B 325 4.03 -12.60 29.79
C GLN B 325 2.95 -11.56 29.54
N VAL B 326 2.45 -11.49 28.30
CA VAL B 326 1.55 -10.40 27.93
C VAL B 326 0.45 -10.93 27.02
N LEU B 327 -0.78 -10.54 27.32
CA LEU B 327 -1.94 -10.72 26.46
C LEU B 327 -2.34 -9.36 25.91
N VAL B 328 -2.42 -9.26 24.58
CA VAL B 328 -2.67 -7.99 23.90
C VAL B 328 -3.68 -8.22 22.79
N GLY B 329 -4.56 -7.25 22.58
CA GLY B 329 -5.58 -7.42 21.56
C GLY B 329 -6.26 -6.11 21.22
N VAL B 330 -7.19 -6.21 20.26
CA VAL B 330 -7.93 -5.06 19.75
C VAL B 330 -9.35 -5.50 19.45
N VAL B 331 -10.24 -4.52 19.30
CA VAL B 331 -11.60 -4.78 18.84
C VAL B 331 -11.64 -4.61 17.33
N LYS B 332 -12.72 -5.05 16.70
CA LYS B 332 -12.78 -5.06 15.24
C LYS B 332 -12.82 -3.65 14.67
N ASP B 333 -13.38 -2.67 15.39
CA ASP B 333 -13.65 -1.34 14.84
C ASP B 333 -13.15 -0.26 15.80
N GLU B 334 -11.83 -0.18 15.95
CA GLU B 334 -11.26 0.65 17.02
C GLU B 334 -11.64 2.12 16.85
N GLY B 335 -11.69 2.62 15.63
CA GLY B 335 -11.82 4.05 15.42
C GLY B 335 -13.22 4.62 15.30
N SER B 336 -14.25 3.80 15.12
CA SER B 336 -15.58 4.33 14.81
C SER B 336 -16.08 5.28 15.89
N TYR B 337 -15.98 4.87 17.16
CA TYR B 337 -16.45 5.66 18.29
C TYR B 337 -16.03 7.12 18.20
N PHE B 338 -14.84 7.38 17.66
CA PHE B 338 -14.23 8.70 17.78
C PHE B 338 -14.68 9.66 16.68
N LEU B 339 -15.10 9.16 15.54
CA LEU B 339 -15.43 10.04 14.42
C LEU B 339 -16.54 11.00 14.78
N VAL B 340 -17.50 10.58 15.61
CA VAL B 340 -18.64 11.41 15.95
C VAL B 340 -18.23 12.55 16.88
N TYR B 341 -16.96 12.58 17.28
CA TYR B 341 -16.46 13.59 18.21
C TYR B 341 -15.67 14.71 17.51
N GLY B 342 -15.71 14.79 16.19
CA GLY B 342 -15.01 15.89 15.54
C GLY B 342 -14.95 15.84 14.03
N VAL B 343 -15.16 14.66 13.45
CA VAL B 343 -15.06 14.51 12.01
C VAL B 343 -16.40 14.88 11.37
N PRO B 344 -16.47 15.98 10.62
CA PRO B 344 -17.76 16.38 10.04
C PRO B 344 -18.32 15.29 9.15
N GLY B 345 -19.63 15.12 9.21
CA GLY B 345 -20.32 14.10 8.44
C GLY B 345 -20.61 12.82 9.18
N PHE B 346 -20.19 12.71 10.44
CA PHE B 346 -20.43 11.52 11.23
C PHE B 346 -21.40 11.82 12.37
N SER B 347 -22.27 10.86 12.65
CA SER B 347 -23.24 10.95 13.73
C SER B 347 -23.67 9.54 14.09
N LYS B 348 -24.02 9.34 15.36
CA LYS B 348 -24.61 8.05 15.74
C LYS B 348 -26.01 7.89 15.17
N ASP B 349 -26.61 8.97 14.68
CA ASP B 349 -28.01 8.95 14.29
C ASP B 349 -28.21 8.64 12.81
N ASN B 350 -27.42 9.23 11.91
CA ASN B 350 -27.48 8.85 10.50
C ASN B 350 -26.36 7.86 10.18
N GLU B 351 -26.32 7.41 8.93
CA GLU B 351 -25.38 6.38 8.53
C GLU B 351 -24.02 6.91 8.16
N SER B 352 -23.78 8.21 8.33
CA SER B 352 -22.44 8.79 8.21
C SER B 352 -21.75 8.33 6.92
N LEU B 353 -22.47 8.49 5.82
CA LEU B 353 -21.91 8.30 4.49
C LEU B 353 -21.29 9.61 4.05
N ILE B 354 -19.99 9.60 3.79
CA ILE B 354 -19.25 10.83 3.55
C ILE B 354 -18.80 10.89 2.11
N SER B 355 -18.55 12.12 1.66
CA SER B 355 -17.91 12.36 0.36
C SER B 355 -16.42 12.09 0.48
N ARG B 356 -15.73 12.26 -0.65
CA ARG B 356 -14.28 12.14 -0.65
C ARG B 356 -13.64 13.34 0.05
N ALA B 357 -14.13 14.54 -0.24
CA ALA B 357 -13.60 15.74 0.40
C ALA B 357 -13.70 15.63 1.91
N GLN B 358 -14.89 15.23 2.39
CA GLN B 358 -15.03 14.94 3.81
C GLN B 358 -14.00 13.92 4.28
N PHE B 359 -13.68 12.94 3.43
CA PHE B 359 -12.70 11.94 3.83
C PHE B 359 -11.30 12.52 3.94
N LEU B 360 -10.94 13.48 3.09
CA LEU B 360 -9.62 14.10 3.21
C LEU B 360 -9.57 15.03 4.42
N ALA B 361 -10.55 15.94 4.53
CA ALA B 361 -10.62 16.78 5.70
C ALA B 361 -10.57 15.95 6.98
N GLY B 362 -11.28 14.83 7.00
CA GLY B 362 -11.28 13.97 8.17
C GLY B 362 -9.92 13.37 8.49
N VAL B 363 -9.10 13.15 7.46
CA VAL B 363 -7.78 12.58 7.72
C VAL B 363 -6.87 13.57 8.43
N ARG B 364 -7.08 14.87 8.21
CA ARG B 364 -6.29 15.86 8.94
C ARG B 364 -6.69 15.90 10.40
N ILE B 365 -7.94 15.56 10.72
CA ILE B 365 -8.37 15.56 12.11
C ILE B 365 -7.98 14.25 12.79
N GLY B 366 -7.80 13.18 12.03
CA GLY B 366 -7.40 11.90 12.58
C GLY B 366 -5.90 11.77 12.71
N VAL B 367 -5.15 12.41 11.81
CA VAL B 367 -3.70 12.45 11.88
C VAL B 367 -3.27 13.90 12.03
N PRO B 368 -3.62 14.55 13.14
CA PRO B 368 -3.44 16.01 13.24
C PRO B 368 -2.00 16.47 13.13
N GLN B 369 -1.03 15.58 13.35
CA GLN B 369 0.38 15.91 13.21
C GLN B 369 0.91 15.69 11.79
N ALA B 370 0.10 15.18 10.87
CA ALA B 370 0.59 14.84 9.53
C ALA B 370 0.84 16.08 8.69
N SER B 371 1.91 16.03 7.90
CA SER B 371 2.17 17.05 6.90
C SER B 371 1.24 16.87 5.70
N ASP B 372 1.23 17.87 4.82
CA ASP B 372 0.46 17.76 3.58
C ASP B 372 0.76 16.45 2.87
N LEU B 373 2.05 16.19 2.60
CA LEU B 373 2.43 14.99 1.87
C LEU B 373 2.08 13.72 2.63
N ALA B 374 2.09 13.78 3.95
CA ALA B 374 1.81 12.59 4.75
C ALA B 374 0.32 12.27 4.79
N ALA B 375 -0.53 13.29 4.91
CA ALA B 375 -1.96 13.05 4.80
C ALA B 375 -2.32 12.52 3.42
N GLU B 376 -1.66 13.02 2.38
CA GLU B 376 -1.89 12.48 1.05
C GLU B 376 -1.50 11.01 0.98
N ALA B 377 -0.36 10.65 1.55
CA ALA B 377 0.03 9.24 1.60
C ALA B 377 -1.04 8.40 2.31
N VAL B 378 -1.62 8.93 3.39
CA VAL B 378 -2.66 8.18 4.10
C VAL B 378 -3.89 8.02 3.21
N VAL B 379 -4.36 9.11 2.63
CA VAL B 379 -5.54 9.05 1.76
C VAL B 379 -5.34 8.05 0.63
N LEU B 380 -4.16 8.04 0.01
CA LEU B 380 -3.95 7.15 -1.12
C LEU B 380 -3.86 5.70 -0.69
N HIS B 381 -3.45 5.44 0.55
CA HIS B 381 -3.33 4.07 1.04
C HIS B 381 -4.69 3.47 1.38
N TYR B 382 -5.58 4.25 2.00
CA TYR B 382 -6.87 3.74 2.44
C TYR B 382 -7.97 3.90 1.40
N THR B 383 -7.71 4.62 0.31
CA THR B 383 -8.67 4.69 -0.77
C THR B 383 -8.80 3.33 -1.44
N ASP B 384 -10.03 2.91 -1.69
CA ASP B 384 -10.30 1.77 -2.56
C ASP B 384 -10.41 2.26 -3.99
N TRP B 385 -9.38 2.01 -4.79
CA TRP B 385 -9.32 2.59 -6.13
C TRP B 385 -10.22 1.90 -7.13
N LEU B 386 -10.93 0.85 -6.73
CA LEU B 386 -12.02 0.33 -7.55
C LEU B 386 -13.31 1.07 -7.28
N HIS B 387 -13.47 1.62 -6.08
CA HIS B 387 -14.59 2.48 -5.73
C HIS B 387 -14.04 3.65 -4.92
N PRO B 388 -13.26 4.52 -5.56
CA PRO B 388 -12.59 5.60 -4.82
C PRO B 388 -13.54 6.64 -4.26
N GLU B 389 -14.80 6.63 -4.69
CA GLU B 389 -15.77 7.65 -4.27
C GLU B 389 -17.01 7.04 -3.62
N ASP B 390 -17.02 5.73 -3.38
CA ASP B 390 -18.14 5.13 -2.69
C ASP B 390 -18.18 5.64 -1.25
N PRO B 391 -19.28 6.24 -0.80
CA PRO B 391 -19.30 6.78 0.57
C PRO B 391 -19.19 5.71 1.64
N THR B 392 -19.71 4.50 1.41
CA THR B 392 -19.63 3.46 2.43
C THR B 392 -18.18 3.05 2.67
N HIS B 393 -17.43 2.83 1.59
N HIS B 393 -17.41 2.86 1.61
CA HIS B 393 -15.99 2.60 1.74
CA HIS B 393 -15.99 2.58 1.84
C HIS B 393 -15.32 3.78 2.42
C HIS B 393 -15.27 3.78 2.41
N LEU B 394 -15.67 5.00 2.01
CA LEU B 394 -15.02 6.19 2.53
C LEU B 394 -15.22 6.34 4.03
N ARG B 395 -16.47 6.19 4.50
CA ARG B 395 -16.70 6.22 5.94
C ARG B 395 -15.91 5.11 6.63
N ASP B 396 -16.01 3.87 6.13
CA ASP B 396 -15.32 2.75 6.75
C ASP B 396 -13.81 2.94 6.76
N ALA B 397 -13.25 3.58 5.73
CA ALA B 397 -11.82 3.84 5.74
C ALA B 397 -11.46 4.91 6.73
N MET B 398 -12.36 5.88 6.93
CA MET B 398 -12.14 6.90 7.95
C MET B 398 -11.97 6.27 9.32
N SER B 399 -12.88 5.36 9.68
CA SER B 399 -12.77 4.65 10.95
C SER B 399 -11.50 3.82 11.03
N ALA B 400 -11.06 3.26 9.92
CA ALA B 400 -9.86 2.40 9.94
C ALA B 400 -8.59 3.24 10.06
N VAL B 401 -8.56 4.42 9.43
CA VAL B 401 -7.42 5.32 9.63
C VAL B 401 -7.24 5.60 11.12
N VAL B 402 -8.32 5.99 11.79
CA VAL B 402 -8.24 6.38 13.19
C VAL B 402 -7.84 5.18 14.06
N GLY B 403 -8.51 4.05 13.86
CA GLY B 403 -8.21 2.88 14.68
C GLY B 403 -6.84 2.29 14.41
N ASP B 404 -6.40 2.30 13.14
CA ASP B 404 -5.08 1.78 12.82
C ASP B 404 -3.98 2.67 13.36
N HIS B 405 -4.13 3.98 13.21
CA HIS B 405 -3.09 4.91 13.63
C HIS B 405 -2.96 4.94 15.16
N ASN B 406 -4.05 4.78 15.89
CA ASN B 406 -4.04 4.99 17.33
C ASN B 406 -4.03 3.71 18.15
N VAL B 407 -4.45 2.57 17.61
CA VAL B 407 -4.52 1.37 18.43
C VAL B 407 -3.89 0.16 17.72
N VAL B 408 -4.45 -0.24 16.58
CA VAL B 408 -4.05 -1.53 15.99
C VAL B 408 -2.55 -1.54 15.71
N CYS B 409 -2.03 -0.50 15.09
CA CYS B 409 -0.65 -0.60 14.68
C CYS B 409 0.29 -0.35 15.86
N PRO B 410 -0.04 0.56 16.78
CA PRO B 410 0.70 0.61 18.05
C PRO B 410 0.74 -0.74 18.76
N VAL B 411 -0.39 -1.46 18.79
CA VAL B 411 -0.41 -2.78 19.42
C VAL B 411 0.50 -3.74 18.66
N ALA B 412 0.43 -3.73 17.33
CA ALA B 412 1.23 -4.66 16.55
C ALA B 412 2.72 -4.39 16.72
N GLN B 413 3.09 -3.11 16.84
CA GLN B 413 4.48 -2.78 17.12
C GLN B 413 4.91 -3.28 18.50
N LEU B 414 4.12 -3.01 19.53
CA LEU B 414 4.46 -3.49 20.87
C LEU B 414 4.55 -5.01 20.89
N ALA B 415 3.52 -5.68 20.35
CA ALA B 415 3.52 -7.14 20.34
C ALA B 415 4.77 -7.69 19.67
N GLY B 416 5.24 -7.03 18.62
CA GLY B 416 6.40 -7.53 17.90
C GLY B 416 7.69 -7.30 18.65
N ARG B 417 7.85 -6.12 19.25
CA ARG B 417 9.07 -5.83 19.99
C ARG B 417 9.12 -6.63 21.29
N LEU B 418 7.97 -6.82 21.96
CA LEU B 418 7.96 -7.66 23.15
C LEU B 418 8.34 -9.09 22.81
N ALA B 419 7.71 -9.66 21.78
CA ALA B 419 8.02 -11.04 21.41
C ALA B 419 9.49 -11.21 21.03
N ALA B 420 10.06 -10.23 20.32
CA ALA B 420 11.43 -10.36 19.84
C ALA B 420 12.46 -10.21 20.95
N GLN B 421 12.11 -9.55 22.06
CA GLN B 421 13.06 -9.32 23.14
C GLN B 421 12.73 -10.16 24.37
N GLY B 422 12.24 -11.38 24.15
CA GLY B 422 12.15 -12.38 25.20
C GLY B 422 10.77 -12.58 25.78
N ALA B 423 9.87 -11.61 25.64
CA ALA B 423 8.56 -11.75 26.25
C ALA B 423 7.77 -12.89 25.60
N ARG B 424 6.81 -13.40 26.35
CA ARG B 424 5.86 -14.39 25.85
C ARG B 424 4.54 -13.68 25.62
N VAL B 425 4.10 -13.61 24.36
CA VAL B 425 3.01 -12.75 23.95
C VAL B 425 1.88 -13.58 23.36
N TYR B 426 0.65 -13.21 23.67
CA TYR B 426 -0.55 -13.79 23.11
C TYR B 426 -1.42 -12.63 22.61
N ALA B 427 -1.92 -12.75 21.38
CA ALA B 427 -2.67 -11.66 20.78
C ALA B 427 -4.01 -12.14 20.26
N TYR B 428 -4.97 -11.23 20.27
CA TYR B 428 -6.33 -11.53 19.85
C TYR B 428 -6.89 -10.34 19.08
N ILE B 429 -7.96 -10.61 18.33
CA ILE B 429 -8.86 -9.58 17.86
C ILE B 429 -10.28 -9.98 18.25
N PHE B 430 -11.02 -9.05 18.82
CA PHE B 430 -12.34 -9.29 19.38
C PHE B 430 -13.39 -8.82 18.39
N GLU B 431 -14.22 -9.74 17.90
CA GLU B 431 -15.07 -9.48 16.74
C GLU B 431 -16.55 -9.69 17.02
N HIS B 432 -16.96 -9.73 18.28
CA HIS B 432 -18.37 -9.86 18.62
C HIS B 432 -18.97 -8.51 18.94
N ARG B 433 -20.13 -8.22 18.35
CA ARG B 433 -20.87 -7.00 18.63
C ARG B 433 -22.02 -7.35 19.55
N ALA B 434 -22.05 -6.74 20.73
CA ALA B 434 -23.08 -7.04 21.71
C ALA B 434 -24.47 -6.90 21.10
N SER B 435 -25.34 -7.85 21.40
CA SER B 435 -26.74 -7.74 21.00
C SER B 435 -27.41 -6.56 21.69
N THR B 436 -26.83 -6.09 22.79
CA THR B 436 -27.37 -5.01 23.60
C THR B 436 -26.85 -3.64 23.17
N LEU B 437 -25.98 -3.58 22.16
CA LEU B 437 -25.26 -2.35 21.86
C LEU B 437 -26.21 -1.27 21.33
N THR B 438 -25.99 -0.04 21.75
CA THR B 438 -26.87 1.07 21.42
C THR B 438 -26.31 2.04 20.39
N TRP B 439 -25.04 1.89 20.00
CA TRP B 439 -24.51 2.67 18.89
C TRP B 439 -25.00 2.08 17.57
N PRO B 440 -25.01 2.88 16.50
CA PRO B 440 -25.53 2.38 15.22
C PRO B 440 -24.69 1.25 14.65
N LEU B 441 -25.31 0.49 13.75
CA LEU B 441 -24.64 -0.66 13.16
C LEU B 441 -23.36 -0.28 12.45
N TRP B 442 -23.33 0.92 11.84
CA TRP B 442 -22.15 1.27 11.05
C TRP B 442 -20.88 1.35 11.90
N MET B 443 -21.01 1.52 13.22
CA MET B 443 -19.84 1.56 14.08
C MET B 443 -19.26 0.18 14.38
N GLY B 444 -19.94 -0.90 13.97
CA GLY B 444 -19.40 -2.23 14.14
C GLY B 444 -19.22 -2.61 15.62
N VAL B 445 -18.00 -3.03 15.96
CA VAL B 445 -17.61 -3.33 17.34
C VAL B 445 -16.75 -2.18 17.83
N PRO B 446 -17.31 -1.20 18.55
CA PRO B 446 -16.56 0.02 18.86
C PRO B 446 -15.56 -0.17 20.00
N HIS B 447 -14.63 0.78 20.06
CA HIS B 447 -13.64 0.86 21.13
C HIS B 447 -14.29 0.70 22.49
N GLY B 448 -13.91 -0.36 23.21
CA GLY B 448 -14.31 -0.53 24.59
C GLY B 448 -15.43 -1.51 24.86
N TYR B 449 -16.00 -2.14 23.83
CA TYR B 449 -17.17 -2.99 24.03
C TYR B 449 -16.83 -4.48 24.06
N GLU B 450 -15.57 -4.83 24.28
CA GLU B 450 -15.23 -6.16 24.78
C GLU B 450 -15.26 -6.24 26.30
N ILE B 451 -15.13 -5.10 27.00
CA ILE B 451 -14.97 -5.13 28.45
C ILE B 451 -16.13 -5.86 29.12
N GLU B 452 -17.37 -5.40 28.87
CA GLU B 452 -18.53 -6.01 29.50
C GLU B 452 -18.53 -7.54 29.40
N PHE B 453 -17.87 -8.10 28.37
CA PHE B 453 -17.83 -9.55 28.20
C PHE B 453 -16.75 -10.20 29.05
N ILE B 454 -15.59 -9.56 29.17
CA ILE B 454 -14.51 -10.11 29.96
C ILE B 454 -14.84 -10.11 31.45
N PHE B 455 -15.61 -9.11 31.92
CA PHE B 455 -16.03 -9.05 33.33
C PHE B 455 -17.24 -9.93 33.61
N GLY B 456 -17.86 -10.51 32.58
CA GLY B 456 -18.91 -11.49 32.78
C GLY B 456 -20.32 -10.95 32.93
N LEU B 457 -20.56 -9.70 32.54
CA LEU B 457 -21.89 -9.12 32.72
C LEU B 457 -23.00 -9.93 32.07
N PRO B 458 -22.81 -10.58 30.92
CA PRO B 458 -23.90 -11.37 30.33
C PRO B 458 -24.45 -12.44 31.26
N LEU B 459 -23.64 -12.93 32.20
CA LEU B 459 -24.12 -13.89 33.18
C LEU B 459 -25.22 -13.35 34.09
N ASP B 460 -25.47 -12.03 34.05
CA ASP B 460 -26.58 -11.46 34.79
C ASP B 460 -27.83 -11.54 33.92
N PRO B 461 -28.82 -12.32 34.33
CA PRO B 461 -29.99 -12.55 33.46
C PRO B 461 -30.76 -11.28 33.16
N SER B 462 -30.86 -10.36 34.13
CA SER B 462 -31.63 -9.14 33.93
C SER B 462 -31.05 -8.25 32.84
N LEU B 463 -29.79 -8.44 32.46
CA LEU B 463 -29.18 -7.62 31.43
C LEU B 463 -29.62 -8.01 30.03
N ASN B 464 -30.28 -9.15 29.87
CA ASN B 464 -30.93 -9.52 28.61
C ASN B 464 -29.94 -9.78 27.49
N TYR B 465 -28.76 -10.35 27.78
CA TYR B 465 -27.91 -10.86 26.73
C TYR B 465 -28.47 -12.19 26.22
N THR B 466 -27.84 -12.73 25.17
CA THR B 466 -28.31 -13.97 24.58
C THR B 466 -27.56 -15.16 25.16
N THR B 467 -28.24 -16.32 25.16
CA THR B 467 -27.62 -17.54 25.65
C THR B 467 -26.23 -17.74 25.06
N GLU B 468 -26.09 -17.52 23.74
CA GLU B 468 -24.78 -17.66 23.10
C GLU B 468 -23.78 -16.70 23.72
N GLU B 469 -24.22 -15.49 24.06
CA GLU B 469 -23.31 -14.51 24.65
C GLU B 469 -22.91 -14.91 26.07
N ARG B 470 -23.83 -15.49 26.84
CA ARG B 470 -23.46 -15.98 28.16
C ARG B 470 -22.37 -17.05 28.04
N ILE B 471 -22.54 -18.00 27.11
CA ILE B 471 -21.52 -19.00 26.87
C ILE B 471 -20.21 -18.35 26.42
N PHE B 472 -20.31 -17.28 25.62
CA PHE B 472 -19.13 -16.57 25.15
C PHE B 472 -18.42 -15.86 26.32
N ALA B 473 -19.17 -15.13 27.15
CA ALA B 473 -18.55 -14.46 28.29
C ALA B 473 -17.74 -15.43 29.14
N GLN B 474 -18.30 -16.60 29.42
CA GLN B 474 -17.58 -17.59 30.21
C GLN B 474 -16.26 -17.96 29.57
N ARG B 475 -16.24 -18.18 28.25
CA ARG B 475 -14.98 -18.50 27.58
C ARG B 475 -13.96 -17.40 27.78
N LEU B 476 -14.36 -16.13 27.67
CA LEU B 476 -13.41 -15.04 27.83
C LEU B 476 -12.87 -14.99 29.26
N MET B 477 -13.75 -15.15 30.24
CA MET B 477 -13.31 -15.13 31.63
C MET B 477 -12.32 -16.25 31.91
N LYS B 478 -12.48 -17.39 31.22
CA LYS B 478 -11.54 -18.49 31.36
C LYS B 478 -10.19 -18.14 30.76
N TYR B 479 -10.18 -17.54 29.57
CA TYR B 479 -8.91 -17.11 28.97
C TYR B 479 -8.18 -16.17 29.90
N TRP B 480 -8.86 -15.11 30.34
CA TRP B 480 -8.20 -14.09 31.15
C TRP B 480 -7.71 -14.67 32.48
N THR B 481 -8.57 -15.35 33.22
CA THR B 481 -8.14 -15.91 34.50
C THR B 481 -7.07 -16.97 34.30
N ASN B 482 -7.25 -17.84 33.31
CA ASN B 482 -6.20 -18.82 33.00
C ASN B 482 -4.88 -18.14 32.68
N PHE B 483 -4.93 -16.97 32.05
CA PHE B 483 -3.69 -16.25 31.82
C PHE B 483 -3.11 -15.72 33.13
N ALA B 484 -3.98 -15.24 34.02
CA ALA B 484 -3.50 -14.76 35.32
C ALA B 484 -2.87 -15.89 36.12
N ARG B 485 -3.51 -17.07 36.11
CA ARG B 485 -2.99 -18.20 36.88
C ARG B 485 -1.62 -18.65 36.37
N THR B 486 -1.43 -18.65 35.05
CA THR B 486 -0.35 -19.40 34.44
C THR B 486 0.50 -18.62 33.45
N GLY B 487 0.05 -17.46 32.97
CA GLY B 487 0.72 -16.81 31.87
C GLY B 487 0.32 -17.33 30.50
N ASP B 488 -0.63 -18.25 30.44
CA ASP B 488 -1.08 -18.90 29.21
C ASP B 488 -2.60 -19.00 29.22
N PRO B 489 -3.28 -18.40 28.23
CA PRO B 489 -4.75 -18.36 28.26
C PRO B 489 -5.42 -19.68 27.93
N ASN B 490 -4.67 -20.71 27.56
CA ASN B 490 -5.27 -21.97 27.14
C ASN B 490 -5.70 -22.79 28.36
N ASP B 491 -6.84 -23.47 28.22
CA ASP B 491 -7.41 -24.23 29.33
C ASP B 491 -6.64 -25.54 29.53
N PRO B 492 -6.05 -25.78 30.70
CA PRO B 492 -5.32 -27.04 30.92
C PRO B 492 -6.24 -28.26 30.99
N ARG B 493 -7.55 -28.07 30.85
CA ARG B 493 -8.52 -29.16 30.81
C ARG B 493 -9.05 -29.41 29.41
N ASP B 494 -9.28 -28.37 28.61
CA ASP B 494 -9.75 -28.55 27.24
C ASP B 494 -8.58 -29.01 26.39
N SER B 495 -8.61 -30.28 25.99
CA SER B 495 -7.66 -30.84 25.03
C SER B 495 -8.25 -30.95 23.63
N LYS B 496 -9.18 -30.08 23.29
CA LYS B 496 -9.63 -29.94 21.91
C LYS B 496 -8.60 -29.13 21.13
N SER B 497 -8.57 -29.33 19.81
CA SER B 497 -7.41 -28.94 19.01
C SER B 497 -7.51 -27.56 18.34
N PRO B 498 -8.06 -26.52 19.00
CA PRO B 498 -7.74 -25.17 18.56
C PRO B 498 -7.04 -24.43 19.69
N GLN B 499 -5.72 -24.50 19.74
CA GLN B 499 -4.97 -23.89 20.82
C GLN B 499 -4.55 -22.47 20.44
N TRP B 500 -4.71 -21.55 21.37
CA TRP B 500 -4.19 -20.19 21.24
C TRP B 500 -2.66 -20.23 21.22
N PRO B 501 -2.02 -19.93 20.10
CA PRO B 501 -0.56 -19.97 20.04
C PRO B 501 0.03 -18.63 20.42
N PRO B 502 1.28 -18.62 20.89
CA PRO B 502 1.93 -17.33 21.19
C PRO B 502 2.22 -16.55 19.93
N TYR B 503 1.99 -15.24 20.00
CA TYR B 503 2.42 -14.34 18.93
C TYR B 503 3.94 -14.31 18.86
N THR B 504 4.48 -14.43 17.65
CA THR B 504 5.91 -14.35 17.42
C THR B 504 6.16 -13.45 16.22
N THR B 505 7.38 -12.94 16.11
CA THR B 505 7.70 -12.13 14.93
C THR B 505 7.75 -12.99 13.67
N ALA B 506 8.16 -14.25 13.79
CA ALA B 506 8.18 -15.16 12.66
C ALA B 506 6.79 -15.38 12.09
N ALA B 507 5.93 -16.09 12.82
CA ALA B 507 4.62 -16.48 12.33
C ALA B 507 3.53 -15.44 12.58
N GLN B 508 3.69 -14.58 13.57
CA GLN B 508 2.74 -13.50 13.80
C GLN B 508 1.32 -14.02 14.01
N GLN B 509 1.18 -15.12 14.76
CA GLN B 509 -0.11 -15.75 14.97
C GLN B 509 -0.92 -15.02 16.04
N TYR B 510 -2.21 -14.84 15.76
CA TYR B 510 -3.16 -14.30 16.73
C TYR B 510 -4.50 -15.03 16.53
N VAL B 511 -5.47 -14.76 17.42
CA VAL B 511 -6.73 -15.50 17.37
C VAL B 511 -7.89 -14.53 17.32
N SER B 512 -8.98 -14.98 16.69
CA SER B 512 -10.23 -14.24 16.68
C SER B 512 -11.10 -14.68 17.87
N LEU B 513 -11.57 -13.71 18.64
CA LEU B 513 -12.51 -13.95 19.73
C LEU B 513 -13.90 -13.55 19.26
N ASN B 514 -14.79 -14.52 19.17
CA ASN B 514 -16.18 -14.27 18.76
C ASN B 514 -16.99 -15.52 19.08
N LEU B 515 -18.21 -15.58 18.55
CA LEU B 515 -19.11 -16.66 18.93
C LEU B 515 -18.65 -18.01 18.40
N LYS B 516 -17.88 -18.04 17.31
CA LYS B 516 -17.36 -19.30 16.81
C LYS B 516 -16.09 -19.67 17.58
N PRO B 517 -15.62 -20.91 17.43
CA PRO B 517 -14.43 -21.34 18.17
C PRO B 517 -13.18 -20.59 17.71
N LEU B 518 -12.19 -20.53 18.61
CA LEU B 518 -10.91 -19.91 18.31
C LEU B 518 -10.46 -20.26 16.90
N GLU B 519 -10.24 -19.23 16.10
CA GLU B 519 -9.61 -19.37 14.79
C GLU B 519 -8.26 -18.66 14.82
N VAL B 520 -7.24 -19.31 14.27
CA VAL B 520 -5.89 -18.79 14.30
C VAL B 520 -5.59 -18.09 12.97
N ARG B 521 -5.13 -16.85 13.06
CA ARG B 521 -4.79 -16.03 11.91
C ARG B 521 -3.34 -15.58 12.03
N ARG B 522 -2.79 -15.08 10.92
CA ARG B 522 -1.39 -14.67 10.85
C ARG B 522 -1.31 -13.26 10.28
N GLY B 523 -0.53 -12.41 10.93
CA GLY B 523 -0.37 -11.06 10.46
C GLY B 523 -1.45 -10.13 10.97
N LEU B 524 -1.07 -9.26 11.89
CA LEU B 524 -1.98 -8.28 12.49
C LEU B 524 -1.86 -7.00 11.67
N ARG B 525 -2.75 -6.84 10.70
CA ARG B 525 -2.76 -5.67 9.81
C ARG B 525 -1.37 -5.43 9.23
N ALA B 526 -0.72 -6.51 8.81
CA ALA B 526 0.73 -6.47 8.60
C ALA B 526 1.14 -5.40 7.60
N GLN B 527 0.58 -5.46 6.38
CA GLN B 527 0.93 -4.49 5.34
C GLN B 527 0.66 -3.07 5.81
N THR B 528 -0.58 -2.81 6.23
CA THR B 528 -0.97 -1.45 6.59
C THR B 528 -0.17 -0.92 7.77
N CYS B 529 0.17 -1.78 8.72
CA CYS B 529 0.97 -1.29 9.85
C CYS B 529 2.42 -1.09 9.45
N ALA B 530 2.91 -1.83 8.46
CA ALA B 530 4.19 -1.48 7.85
C ALA B 530 4.17 -0.03 7.39
N PHE B 531 3.08 0.40 6.77
CA PHE B 531 2.94 1.79 6.38
C PHE B 531 3.07 2.73 7.58
N TRP B 532 2.31 2.45 8.65
CA TRP B 532 2.30 3.34 9.81
C TRP B 532 3.59 3.22 10.61
N ASN B 533 4.08 2.00 10.83
CA ASN B 533 5.20 1.84 11.74
C ASN B 533 6.53 2.08 11.04
N ARG B 534 6.63 1.72 9.77
CA ARG B 534 7.92 1.77 9.08
C ARG B 534 8.05 2.97 8.15
N PHE B 535 7.03 3.29 7.37
CA PHE B 535 7.24 4.32 6.36
C PHE B 535 6.86 5.71 6.84
N LEU B 536 5.65 5.88 7.37
CA LEU B 536 5.19 7.21 7.74
C LEU B 536 6.16 7.98 8.64
N PRO B 537 6.86 7.35 9.60
CA PRO B 537 7.80 8.14 10.40
C PRO B 537 8.96 8.69 9.59
N LYS B 538 9.46 7.92 8.61
CA LYS B 538 10.53 8.45 7.77
C LYS B 538 10.02 9.57 6.87
N LEU B 539 8.73 9.54 6.54
CA LEU B 539 8.13 10.59 5.72
C LEU B 539 8.06 11.89 6.51
N LEU B 540 7.25 11.91 7.58
CA LEU B 540 7.11 13.12 8.40
C LEU B 540 8.48 13.65 8.81
N SER B 541 9.40 12.76 9.14
CA SER B 541 10.77 13.15 9.43
C SER B 541 11.34 14.02 8.31
N ALA B 542 11.44 13.47 7.10
CA ALA B 542 11.98 14.20 5.96
C ALA B 542 11.00 15.27 5.47
N THR B 543 10.50 16.10 6.39
CA THR B 543 9.59 17.18 6.05
C THR B 543 9.65 18.31 7.08
#